data_3D5S
#
_entry.id   3D5S
#
_cell.length_a   90.890
_cell.length_b   90.890
_cell.length_c   122.830
_cell.angle_alpha   90.000
_cell.angle_beta   90.000
_cell.angle_gamma   90.000
#
_symmetry.space_group_name_H-M   'P 41'
#
loop_
_entity.id
_entity.type
_entity.pdbx_description
1 polymer 'Complement C3'
2 polymer 'Fibrinogen-binding protein'
3 water water
#
loop_
_entity_poly.entity_id
_entity_poly.type
_entity_poly.pdbx_seq_one_letter_code
_entity_poly.pdbx_strand_id
1 'polypeptide(L)'
;GSRSTDAERLKHLIVTPSGAGEQNMIGMTPTVIAVHYLDETEQWEKFGLEKRQGALELIKKGYTQQLAFRQPSSAFAAFV
KRAPSTWLTAYVVKVFSLAVNLIAIDSQVLCGAVKWLILEKQKPDGVFQEDAPVIHQEMIGGLRNNNEKDMALTAFVLIS
LQEAKDICEEQVNSLPGSITKAGDFLEANYMNLQRSYTVAIAGYALAQMGRLKGPLLNKFLTTAKDKNRWEDPGKQLYNV
EATSYALLALLQLKDFDFVPPVVRWLNEQRYYGGGYGSTQATFMVFQALAQYQKDAP
;
A,B
2 'polypeptide(L)' TDATIKKEQKLIQAQNLVREFEKTHTVSAHAKAQKAVNLVSFEYKVKKMVLQERIDNVLKQGLVR C,D
#
# COMPACT_ATOMS: atom_id res chain seq x y z
N GLY A 1 21.01 -0.91 -23.46
CA GLY A 1 19.89 -0.82 -22.49
C GLY A 1 18.88 -1.95 -22.66
N SER A 2 18.08 -2.19 -21.63
CA SER A 2 17.05 -3.22 -21.69
C SER A 2 15.70 -2.52 -21.64
N ARG A 3 14.63 -3.26 -21.94
CA ARG A 3 13.29 -2.68 -21.88
C ARG A 3 13.00 -2.19 -20.45
N SER A 4 12.31 -1.05 -20.38
CA SER A 4 11.91 -0.47 -19.12
C SER A 4 10.86 -1.37 -18.47
N THR A 5 10.75 -1.30 -17.14
CA THR A 5 9.74 -2.08 -16.44
C THR A 5 8.42 -1.35 -16.72
N ASP A 6 7.45 -2.06 -17.30
CA ASP A 6 6.17 -1.48 -17.65
C ASP A 6 5.45 -0.74 -16.52
N ALA A 7 5.10 0.51 -16.80
CA ALA A 7 4.41 1.39 -15.87
C ALA A 7 3.17 0.83 -15.23
N GLU A 8 2.48 -0.07 -15.92
CA GLU A 8 1.26 -0.65 -15.39
C GLU A 8 1.52 -1.53 -14.18
N ARG A 9 2.70 -2.13 -14.13
CA ARG A 9 3.07 -2.99 -13.01
C ARG A 9 3.34 -2.14 -11.78
N LEU A 10 3.47 -0.83 -11.96
CA LEU A 10 3.78 0.06 -10.85
C LEU A 10 2.64 0.88 -10.23
N LYS A 11 1.45 0.82 -10.81
CA LYS A 11 0.33 1.62 -10.31
C LYS A 11 -0.01 1.49 -8.82
N HIS A 12 0.25 0.34 -8.22
CA HIS A 12 -0.04 0.18 -6.81
C HIS A 12 0.98 0.92 -5.91
N LEU A 13 2.03 1.49 -6.49
CA LEU A 13 3.05 2.18 -5.69
C LEU A 13 2.71 3.62 -5.31
N ILE A 14 1.64 4.15 -5.90
CA ILE A 14 1.19 5.50 -5.60
C ILE A 14 0.28 5.35 -4.39
N VAL A 15 0.85 5.60 -3.23
CA VAL A 15 0.20 5.40 -1.95
C VAL A 15 0.07 6.63 -1.07
N THR A 16 -0.96 6.63 -0.23
CA THR A 16 -1.19 7.71 0.71
C THR A 16 -0.32 7.46 1.94
N PRO A 17 0.51 8.43 2.36
CA PRO A 17 1.32 8.15 3.55
C PRO A 17 0.51 8.42 4.84
N SER A 18 0.58 7.53 5.81
CA SER A 18 -0.13 7.68 7.07
C SER A 18 0.71 7.07 8.19
N GLY A 19 0.24 7.21 9.42
CA GLY A 19 0.96 6.67 10.56
C GLY A 19 1.88 7.69 11.21
N ALA A 20 2.75 7.20 12.10
CA ALA A 20 3.69 8.05 12.81
C ALA A 20 5.05 8.16 12.09
N GLY A 21 6.11 8.49 12.83
CA GLY A 21 7.44 8.67 12.24
C GLY A 21 8.06 7.61 11.33
N GLU A 22 7.71 6.36 11.56
CA GLU A 22 8.26 5.27 10.77
C GLU A 22 7.28 4.89 9.66
N GLN A 23 6.05 4.65 10.08
CA GLN A 23 5.00 4.25 9.17
C GLN A 23 4.83 5.28 8.04
N ASN A 24 4.98 6.57 8.36
CA ASN A 24 4.84 7.61 7.35
C ASN A 24 5.90 7.41 6.25
N MET A 25 7.13 7.08 6.63
CA MET A 25 8.18 6.85 5.64
C MET A 25 7.90 5.56 4.85
N ILE A 26 7.24 4.61 5.48
CA ILE A 26 6.90 3.36 4.81
C ILE A 26 5.92 3.69 3.67
N GLY A 27 4.99 4.62 3.92
CA GLY A 27 4.04 5.00 2.88
C GLY A 27 4.63 5.91 1.82
N MET A 28 5.56 6.77 2.24
CA MET A 28 6.20 7.72 1.33
C MET A 28 7.13 7.05 0.30
N THR A 29 7.88 6.05 0.74
CA THR A 29 8.83 5.31 -0.10
C THR A 29 8.36 4.90 -1.52
N PRO A 30 7.31 4.07 -1.60
CA PRO A 30 6.82 3.63 -2.91
C PRO A 30 6.43 4.74 -3.88
N THR A 31 5.75 5.75 -3.38
CA THR A 31 5.31 6.84 -4.22
C THR A 31 6.50 7.65 -4.71
N VAL A 32 7.46 7.95 -3.84
CA VAL A 32 8.62 8.70 -4.26
C VAL A 32 9.39 7.93 -5.33
N ILE A 33 9.67 6.66 -5.06
CA ILE A 33 10.45 5.88 -6.00
C ILE A 33 9.71 5.62 -7.31
N ALA A 34 8.41 5.32 -7.25
CA ALA A 34 7.62 5.08 -8.47
C ALA A 34 7.75 6.33 -9.36
N VAL A 35 7.46 7.51 -8.81
CA VAL A 35 7.56 8.74 -9.61
C VAL A 35 8.97 8.92 -10.19
N HIS A 36 9.98 8.69 -9.35
CA HIS A 36 11.38 8.77 -9.76
C HIS A 36 11.63 7.87 -10.98
N TYR A 37 11.19 6.62 -10.89
CA TYR A 37 11.38 5.67 -11.98
C TYR A 37 10.62 6.05 -13.24
N LEU A 38 9.34 6.39 -13.08
CA LEU A 38 8.52 6.77 -14.23
C LEU A 38 9.01 8.04 -14.90
N ASP A 39 9.62 8.93 -14.13
CA ASP A 39 10.16 10.16 -14.69
C ASP A 39 11.35 9.78 -15.55
N GLU A 40 12.26 8.99 -14.99
CA GLU A 40 13.46 8.61 -15.71
C GLU A 40 13.19 7.79 -16.97
N THR A 41 12.29 6.82 -16.89
CA THR A 41 11.99 5.98 -18.04
C THR A 41 10.91 6.61 -18.93
N GLU A 42 10.53 7.84 -18.62
CA GLU A 42 9.56 8.58 -19.42
C GLU A 42 8.29 7.83 -19.82
N GLN A 43 7.57 7.33 -18.85
CA GLN A 43 6.36 6.58 -19.09
C GLN A 43 5.09 7.33 -18.67
N TRP A 44 5.18 8.63 -18.44
CA TRP A 44 3.99 9.33 -18.00
C TRP A 44 2.93 9.52 -19.08
N GLU A 45 3.39 9.88 -20.28
CA GLU A 45 2.51 10.09 -21.42
C GLU A 45 1.69 8.80 -21.59
N LYS A 46 2.37 7.72 -21.92
CA LYS A 46 1.67 6.45 -22.10
C LYS A 46 1.32 5.80 -20.76
N PHE A 47 0.69 6.59 -19.88
CA PHE A 47 0.28 6.08 -18.56
C PHE A 47 -0.60 7.02 -17.74
N GLY A 48 -0.52 8.32 -17.99
CA GLY A 48 -1.35 9.24 -17.23
C GLY A 48 -0.60 10.40 -16.61
N LEU A 49 -0.17 11.31 -17.48
CA LEU A 49 0.57 12.49 -17.07
C LEU A 49 -0.06 13.19 -15.87
N GLU A 50 -1.38 13.16 -15.79
CA GLU A 50 -2.08 13.82 -14.69
C GLU A 50 -1.97 13.07 -13.36
N LYS A 51 -1.76 11.76 -13.43
CA LYS A 51 -1.61 10.95 -12.23
C LYS A 51 -0.35 11.40 -11.50
N ARG A 52 0.61 11.91 -12.25
CA ARG A 52 1.86 12.38 -11.67
C ARG A 52 1.63 13.54 -10.71
N GLN A 53 0.70 14.43 -11.04
CA GLN A 53 0.46 15.56 -10.13
C GLN A 53 -0.15 15.07 -8.84
N GLY A 54 -1.01 14.06 -8.92
CA GLY A 54 -1.58 13.49 -7.71
C GLY A 54 -0.49 12.86 -6.88
N ALA A 55 0.41 12.12 -7.52
CA ALA A 55 1.50 11.49 -6.81
C ALA A 55 2.37 12.54 -6.13
N LEU A 56 2.70 13.62 -6.84
CA LEU A 56 3.51 14.69 -6.27
C LEU A 56 2.82 15.24 -5.03
N GLU A 57 1.50 15.27 -5.09
CA GLU A 57 0.70 15.75 -3.98
C GLU A 57 0.83 14.83 -2.78
N LEU A 58 0.92 13.52 -3.03
CA LEU A 58 1.05 12.59 -1.91
C LEU A 58 2.46 12.69 -1.33
N ILE A 59 3.46 12.95 -2.18
CA ILE A 59 4.86 13.09 -1.73
C ILE A 59 4.89 14.32 -0.83
N LYS A 60 4.31 15.40 -1.32
CA LYS A 60 4.23 16.67 -0.58
C LYS A 60 3.66 16.39 0.80
N LYS A 61 2.61 15.57 0.83
CA LYS A 61 1.92 15.22 2.07
C LYS A 61 2.78 14.39 3.01
N GLY A 62 3.55 13.45 2.46
CA GLY A 62 4.41 12.65 3.30
C GLY A 62 5.48 13.53 3.91
N TYR A 63 6.11 14.31 3.05
CA TYR A 63 7.16 15.21 3.49
C TYR A 63 6.69 16.06 4.65
N THR A 64 5.56 16.74 4.46
CA THR A 64 4.97 17.61 5.46
C THR A 64 4.72 16.92 6.79
N GLN A 65 4.12 15.74 6.72
CA GLN A 65 3.77 14.95 7.90
C GLN A 65 5.02 14.45 8.60
N GLN A 66 6.07 14.19 7.83
CA GLN A 66 7.30 13.69 8.42
C GLN A 66 7.93 14.78 9.27
N LEU A 67 7.72 16.03 8.88
CA LEU A 67 8.27 17.16 9.61
C LEU A 67 7.72 17.24 11.03
N ALA A 68 6.52 16.70 11.24
CA ALA A 68 5.93 16.73 12.59
C ALA A 68 6.70 15.79 13.51
N PHE A 69 7.56 14.97 12.93
CA PHE A 69 8.38 14.04 13.72
C PHE A 69 9.84 14.45 13.78
N ARG A 70 10.13 15.64 13.27
CA ARG A 70 11.49 16.16 13.31
C ARG A 70 11.70 16.65 14.74
N GLN A 71 12.69 16.11 15.43
CA GLN A 71 12.95 16.53 16.80
C GLN A 71 13.88 17.75 16.82
N PRO A 72 13.95 18.46 17.96
CA PRO A 72 14.80 19.65 18.09
C PRO A 72 16.24 19.41 17.59
N SER A 73 16.71 18.17 17.71
CA SER A 73 18.06 17.80 17.31
C SER A 73 18.24 17.62 15.79
N SER A 74 17.13 17.65 15.06
CA SER A 74 17.09 17.43 13.60
C SER A 74 16.97 15.94 13.27
N ALA A 75 17.02 15.09 14.29
CA ALA A 75 16.89 13.65 14.10
C ALA A 75 15.39 13.25 14.08
N PHE A 76 15.12 12.00 13.70
CA PHE A 76 13.77 11.47 13.60
C PHE A 76 13.60 10.16 14.38
N ALA A 77 12.37 9.89 14.79
CA ALA A 77 11.98 8.68 15.52
C ALA A 77 10.48 8.54 15.28
N ALA A 78 9.93 7.37 15.59
CA ALA A 78 8.50 7.13 15.41
C ALA A 78 7.63 8.22 16.06
N PHE A 79 8.05 8.68 17.23
CA PHE A 79 7.33 9.71 18.01
C PHE A 79 8.35 10.75 18.46
N VAL A 80 7.92 12.00 18.62
CA VAL A 80 8.82 13.10 19.01
C VAL A 80 9.54 12.94 20.36
N LYS A 81 9.00 12.13 21.26
CA LYS A 81 9.65 11.94 22.56
C LYS A 81 10.36 10.60 22.66
N ARG A 82 10.45 9.89 21.54
CA ARG A 82 11.15 8.61 21.54
C ARG A 82 12.61 8.89 21.14
N ALA A 83 13.55 8.17 21.73
CA ALA A 83 14.95 8.40 21.38
C ALA A 83 15.09 8.28 19.86
N PRO A 84 15.83 9.22 19.25
CA PRO A 84 16.03 9.22 17.80
C PRO A 84 16.77 8.01 17.25
N SER A 85 16.32 7.53 16.09
CA SER A 85 16.93 6.38 15.44
C SER A 85 17.94 6.81 14.39
N THR A 86 19.14 6.26 14.49
CA THR A 86 20.20 6.56 13.53
C THR A 86 19.75 6.08 12.15
N TRP A 87 19.21 4.86 12.08
CA TRP A 87 18.77 4.34 10.80
C TRP A 87 17.65 5.18 10.18
N LEU A 88 16.60 5.47 10.97
CA LEU A 88 15.48 6.26 10.45
C LEU A 88 15.90 7.64 9.97
N THR A 89 16.78 8.29 10.73
CA THR A 89 17.23 9.61 10.34
C THR A 89 18.01 9.49 9.03
N ALA A 90 18.85 8.46 8.91
CA ALA A 90 19.61 8.28 7.68
C ALA A 90 18.65 7.94 6.54
N TYR A 91 17.61 7.16 6.83
CA TYR A 91 16.66 6.77 5.78
C TYR A 91 15.88 7.98 5.27
N VAL A 92 15.55 8.89 6.18
CA VAL A 92 14.83 10.09 5.79
C VAL A 92 15.72 10.90 4.85
N VAL A 93 17.03 10.99 5.16
CA VAL A 93 17.98 11.72 4.32
C VAL A 93 18.01 11.06 2.93
N LYS A 94 18.13 9.74 2.92
CA LYS A 94 18.16 8.96 1.66
C LYS A 94 16.95 9.30 0.77
N VAL A 95 15.75 9.17 1.33
CA VAL A 95 14.52 9.44 0.59
C VAL A 95 14.36 10.90 0.16
N PHE A 96 14.54 11.82 1.10
CA PHE A 96 14.40 13.24 0.76
C PHE A 96 15.43 13.64 -0.30
N SER A 97 16.62 13.02 -0.28
CA SER A 97 17.66 13.34 -1.27
C SER A 97 17.23 12.99 -2.67
N LEU A 98 16.53 11.87 -2.81
CA LEU A 98 16.05 11.45 -4.12
C LEU A 98 14.84 12.27 -4.55
N ALA A 99 14.14 12.85 -3.57
CA ALA A 99 12.95 13.64 -3.85
C ALA A 99 13.24 15.13 -4.10
N VAL A 100 14.51 15.53 -4.10
CA VAL A 100 14.85 16.94 -4.33
C VAL A 100 14.48 17.37 -5.74
N ASN A 101 14.24 16.39 -6.61
CA ASN A 101 13.85 16.66 -8.00
C ASN A 101 12.34 16.72 -8.11
N LEU A 102 11.64 16.37 -7.06
CA LEU A 102 10.18 16.32 -7.17
C LEU A 102 9.36 17.38 -6.44
N ILE A 103 9.71 17.69 -5.21
CA ILE A 103 8.98 18.69 -4.44
C ILE A 103 9.96 19.60 -3.71
N ALA A 104 9.42 20.64 -3.09
CA ALA A 104 10.24 21.54 -2.32
C ALA A 104 10.73 20.76 -1.09
N ILE A 105 12.04 20.83 -0.83
CA ILE A 105 12.62 20.15 0.33
C ILE A 105 13.54 21.12 1.04
N ASP A 106 13.34 21.28 2.34
CA ASP A 106 14.15 22.20 3.14
C ASP A 106 15.55 21.67 3.42
N SER A 107 16.54 22.35 2.84
CA SER A 107 17.96 22.00 3.00
C SER A 107 18.38 21.87 4.44
N GLN A 108 17.86 22.74 5.29
CA GLN A 108 18.22 22.72 6.70
C GLN A 108 17.64 21.51 7.43
N VAL A 109 16.54 20.99 6.94
CA VAL A 109 15.96 19.81 7.53
C VAL A 109 16.90 18.67 7.14
N LEU A 110 17.16 18.58 5.84
CA LEU A 110 18.03 17.53 5.30
C LEU A 110 19.44 17.57 5.88
N CYS A 111 20.10 18.73 5.81
CA CYS A 111 21.45 18.85 6.33
C CYS A 111 21.53 18.90 7.85
N GLY A 112 20.40 19.24 8.49
CA GLY A 112 20.37 19.25 9.93
C GLY A 112 20.44 17.79 10.39
N ALA A 113 19.79 16.91 9.65
CA ALA A 113 19.81 15.48 9.97
C ALA A 113 21.18 14.88 9.66
N VAL A 114 21.79 15.34 8.57
CA VAL A 114 23.12 14.86 8.22
C VAL A 114 24.09 15.28 9.34
N LYS A 115 24.04 16.56 9.69
CA LYS A 115 24.92 17.09 10.71
C LYS A 115 24.80 16.30 12.03
N TRP A 116 23.56 16.02 12.43
CA TRP A 116 23.30 15.27 13.66
C TRP A 116 23.89 13.85 13.62
N LEU A 117 23.75 13.18 12.49
CA LEU A 117 24.31 11.83 12.36
C LEU A 117 25.83 11.89 12.58
N ILE A 118 26.50 12.84 11.91
CA ILE A 118 27.96 12.99 12.03
C ILE A 118 28.37 13.30 13.47
N LEU A 119 27.86 14.40 13.99
CA LEU A 119 28.16 14.88 15.34
C LEU A 119 27.77 13.96 16.49
N GLU A 120 26.67 13.23 16.38
CA GLU A 120 26.24 12.39 17.51
C GLU A 120 26.34 10.88 17.38
N LYS A 121 26.26 10.34 16.16
CA LYS A 121 26.27 8.91 16.00
C LYS A 121 27.46 8.25 15.33
N GLN A 122 28.47 9.02 14.97
CA GLN A 122 29.64 8.42 14.36
C GLN A 122 30.79 8.28 15.36
N LYS A 123 31.33 7.07 15.46
CA LYS A 123 32.43 6.80 16.37
C LYS A 123 33.72 7.38 15.79
N PRO A 124 34.77 7.52 16.61
CA PRO A 124 36.03 8.06 16.08
C PRO A 124 36.64 7.21 14.99
N ASP A 125 36.32 5.92 14.97
CA ASP A 125 36.85 5.04 13.94
C ASP A 125 35.98 5.01 12.68
N GLY A 126 34.97 5.88 12.62
CA GLY A 126 34.12 5.95 11.43
C GLY A 126 32.81 5.18 11.45
N VAL A 127 32.65 4.26 12.38
CA VAL A 127 31.43 3.47 12.50
C VAL A 127 30.24 4.32 12.94
N PHE A 128 29.08 3.99 12.39
CA PHE A 128 27.82 4.64 12.76
C PHE A 128 27.05 3.62 13.57
N GLN A 129 26.52 4.06 14.70
CA GLN A 129 25.77 3.21 15.62
C GLN A 129 24.32 3.59 15.76
N GLU A 130 23.50 2.60 16.07
CA GLU A 130 22.07 2.76 16.28
C GLU A 130 21.81 2.56 17.77
N ASP A 131 21.38 3.61 18.46
CA ASP A 131 21.10 3.51 19.90
C ASP A 131 19.61 3.33 20.18
N ALA A 132 18.76 3.53 19.17
CA ALA A 132 17.32 3.38 19.35
C ALA A 132 16.69 2.78 18.10
N PRO A 133 16.75 1.45 17.97
CA PRO A 133 16.19 0.74 16.82
C PRO A 133 14.75 1.12 16.52
N VAL A 134 14.37 1.16 15.24
CA VAL A 134 13.00 1.48 14.86
C VAL A 134 12.04 0.38 15.27
N ILE A 135 10.79 0.75 15.57
CA ILE A 135 9.79 -0.25 15.93
C ILE A 135 9.59 -1.15 14.72
N HIS A 136 9.47 -0.57 13.54
CA HIS A 136 9.24 -1.38 12.33
C HIS A 136 10.47 -2.04 11.72
N GLN A 137 10.96 -3.07 12.40
CA GLN A 137 12.12 -3.80 11.94
C GLN A 137 11.97 -4.38 10.54
N GLU A 138 10.75 -4.50 10.04
CA GLU A 138 10.58 -5.04 8.68
C GLU A 138 10.89 -3.99 7.61
N MET A 139 11.03 -2.72 8.01
CA MET A 139 11.27 -1.67 7.04
C MET A 139 12.74 -1.40 6.75
N ILE A 140 13.66 -2.00 7.50
CA ILE A 140 15.09 -1.74 7.25
C ILE A 140 15.75 -2.83 6.39
N GLY A 141 14.93 -3.69 5.80
CA GLY A 141 15.43 -4.76 4.94
C GLY A 141 16.50 -5.66 5.51
N GLY A 142 17.51 -5.96 4.69
CA GLY A 142 18.59 -6.84 5.08
C GLY A 142 19.41 -6.44 6.30
N LEU A 143 19.28 -5.19 6.74
CA LEU A 143 20.01 -4.74 7.91
C LEU A 143 19.41 -5.35 9.17
N ARG A 144 18.30 -6.08 9.04
CA ARG A 144 17.69 -6.71 10.20
C ARG A 144 18.59 -7.83 10.76
N ASN A 145 19.38 -8.43 9.88
CA ASN A 145 20.34 -9.48 10.25
C ASN A 145 21.31 -8.92 11.31
N ASN A 146 21.67 -9.74 12.30
CA ASN A 146 22.58 -9.27 13.35
C ASN A 146 24.08 -9.28 13.05
N ASN A 147 24.51 -10.09 12.10
CA ASN A 147 25.92 -10.18 11.78
C ASN A 147 26.40 -9.04 10.88
N GLU A 148 27.63 -8.61 11.13
CA GLU A 148 28.26 -7.54 10.34
C GLU A 148 27.40 -6.29 10.37
N LYS A 149 26.80 -6.01 11.52
CA LYS A 149 25.93 -4.85 11.71
C LYS A 149 26.68 -3.53 11.60
N ASP A 150 27.86 -3.43 12.21
CA ASP A 150 28.64 -2.20 12.15
C ASP A 150 28.99 -1.83 10.71
N MET A 151 29.28 -2.84 9.91
CA MET A 151 29.64 -2.66 8.51
C MET A 151 28.38 -2.31 7.71
N ALA A 152 27.35 -3.12 7.87
CA ALA A 152 26.10 -2.91 7.13
C ALA A 152 25.47 -1.55 7.40
N LEU A 153 25.40 -1.16 8.68
CA LEU A 153 24.80 0.11 9.04
C LEU A 153 25.68 1.30 8.65
N THR A 154 26.99 1.13 8.77
CA THR A 154 27.90 2.21 8.42
C THR A 154 27.81 2.44 6.92
N ALA A 155 27.73 1.35 6.16
CA ALA A 155 27.60 1.46 4.70
C ALA A 155 26.28 2.18 4.38
N PHE A 156 25.20 1.78 5.05
CA PHE A 156 23.89 2.39 4.86
C PHE A 156 23.91 3.90 5.14
N VAL A 157 24.44 4.32 6.29
CA VAL A 157 24.46 5.75 6.62
C VAL A 157 25.38 6.51 5.68
N LEU A 158 26.52 5.89 5.34
CA LEU A 158 27.47 6.51 4.42
C LEU A 158 26.83 6.74 3.06
N ILE A 159 26.00 5.79 2.63
CA ILE A 159 25.30 5.94 1.36
C ILE A 159 24.41 7.19 1.42
N SER A 160 23.69 7.36 2.53
CA SER A 160 22.81 8.52 2.70
C SER A 160 23.61 9.83 2.71
N LEU A 161 24.75 9.85 3.40
CA LEU A 161 25.55 11.07 3.45
C LEU A 161 26.08 11.40 2.05
N GLN A 162 26.46 10.37 1.29
CA GLN A 162 26.98 10.57 -0.06
C GLN A 162 25.91 11.10 -1.01
N GLU A 163 24.67 10.61 -0.86
CA GLU A 163 23.61 11.07 -1.73
C GLU A 163 23.09 12.45 -1.34
N ALA A 164 23.45 12.90 -0.14
CA ALA A 164 23.02 14.21 0.33
C ALA A 164 24.12 15.26 0.10
N LYS A 165 25.32 14.78 -0.23
CA LYS A 165 26.47 15.65 -0.43
C LYS A 165 26.23 16.88 -1.29
N ASP A 166 25.67 16.70 -2.49
CA ASP A 166 25.41 17.84 -3.36
C ASP A 166 24.57 18.89 -2.63
N ILE A 167 23.55 18.42 -1.94
CA ILE A 167 22.63 19.29 -1.23
C ILE A 167 23.22 19.92 0.04
N CYS A 168 24.09 19.18 0.71
CA CYS A 168 24.64 19.66 1.97
C CYS A 168 26.07 20.15 1.96
N GLU A 169 26.72 20.08 0.81
CA GLU A 169 28.11 20.52 0.68
C GLU A 169 28.43 21.82 1.38
N GLU A 170 27.81 22.91 0.91
CA GLU A 170 28.06 24.23 1.44
C GLU A 170 27.67 24.48 2.89
N GLN A 171 26.72 23.71 3.43
CA GLN A 171 26.34 23.96 4.81
C GLN A 171 26.75 22.96 5.89
N VAL A 172 27.42 21.88 5.53
CA VAL A 172 27.86 20.92 6.54
C VAL A 172 29.37 20.71 6.39
N ASN A 173 30.13 21.54 7.06
CA ASN A 173 31.59 21.47 6.99
C ASN A 173 32.25 20.13 7.28
N SER A 174 31.69 19.39 8.22
CA SER A 174 32.24 18.11 8.60
C SER A 174 31.94 16.97 7.64
N LEU A 175 30.97 17.15 6.75
CA LEU A 175 30.57 16.08 5.81
C LEU A 175 31.72 15.38 5.07
N PRO A 176 32.62 16.13 4.41
CA PRO A 176 33.70 15.47 3.69
C PRO A 176 34.53 14.56 4.60
N GLY A 177 34.88 15.06 5.78
CA GLY A 177 35.68 14.27 6.72
C GLY A 177 34.95 13.05 7.22
N SER A 178 33.64 13.16 7.44
CA SER A 178 32.85 12.04 7.94
C SER A 178 32.76 10.93 6.89
N ILE A 179 32.58 11.32 5.63
CA ILE A 179 32.50 10.34 4.56
C ILE A 179 33.81 9.54 4.49
N THR A 180 34.94 10.24 4.64
CA THR A 180 36.26 9.62 4.59
C THR A 180 36.46 8.63 5.73
N LYS A 181 36.15 9.06 6.95
CA LYS A 181 36.28 8.20 8.12
C LYS A 181 35.43 6.94 8.00
N ALA A 182 34.18 7.07 7.55
CA ALA A 182 33.34 5.89 7.39
C ALA A 182 33.91 5.01 6.29
N GLY A 183 34.46 5.64 5.27
CA GLY A 183 35.06 4.87 4.19
C GLY A 183 36.22 4.06 4.74
N ASP A 184 37.10 4.72 5.50
CA ASP A 184 38.26 4.04 6.08
C ASP A 184 37.83 2.80 6.81
N PHE A 185 36.76 2.91 7.59
CA PHE A 185 36.28 1.76 8.34
C PHE A 185 35.81 0.64 7.43
N LEU A 186 35.03 0.97 6.41
CA LEU A 186 34.54 -0.06 5.50
C LEU A 186 35.71 -0.76 4.79
N GLU A 187 36.64 0.03 4.29
CA GLU A 187 37.80 -0.48 3.57
C GLU A 187 38.65 -1.44 4.39
N ALA A 188 38.93 -1.07 5.64
CA ALA A 188 39.78 -1.89 6.49
C ALA A 188 39.19 -3.22 6.89
N ASN A 189 37.88 -3.39 6.73
CA ASN A 189 37.25 -4.63 7.15
C ASN A 189 36.54 -5.34 6.04
N TYR A 190 36.52 -4.73 4.87
CA TYR A 190 35.81 -5.29 3.72
C TYR A 190 36.19 -6.72 3.36
N MET A 191 37.50 -7.00 3.28
CA MET A 191 37.96 -8.33 2.92
C MET A 191 37.50 -9.43 3.89
N ASN A 192 37.22 -9.08 5.13
CA ASN A 192 36.78 -10.07 6.12
C ASN A 192 35.28 -10.36 6.09
N LEU A 193 34.53 -9.62 5.27
CA LEU A 193 33.08 -9.83 5.19
C LEU A 193 32.73 -11.23 4.73
N GLN A 194 31.62 -11.74 5.27
CA GLN A 194 31.13 -13.08 4.96
C GLN A 194 29.78 -13.06 4.24
N ARG A 195 28.96 -12.06 4.52
CA ARG A 195 27.62 -11.99 3.91
C ARG A 195 27.55 -11.22 2.59
N SER A 196 26.88 -11.81 1.61
CA SER A 196 26.74 -11.18 0.30
C SER A 196 26.08 -9.81 0.43
N TYR A 197 25.10 -9.73 1.31
CA TYR A 197 24.37 -8.48 1.55
C TYR A 197 25.32 -7.35 1.94
N THR A 198 26.17 -7.60 2.93
CA THR A 198 27.09 -6.56 3.37
C THR A 198 28.09 -6.23 2.26
N VAL A 199 28.57 -7.27 1.58
CA VAL A 199 29.53 -7.08 0.48
C VAL A 199 28.92 -6.09 -0.52
N ALA A 200 27.65 -6.30 -0.87
CA ALA A 200 26.96 -5.45 -1.84
C ALA A 200 26.69 -4.01 -1.39
N ILE A 201 26.21 -3.84 -0.17
CA ILE A 201 25.90 -2.49 0.31
C ILE A 201 27.18 -1.72 0.65
N ALA A 202 28.14 -2.40 1.26
CA ALA A 202 29.41 -1.71 1.55
C ALA A 202 30.13 -1.50 0.20
N GLY A 203 29.82 -2.38 -0.76
CA GLY A 203 30.41 -2.26 -2.07
C GLY A 203 29.99 -0.97 -2.74
N TYR A 204 28.69 -0.72 -2.75
CA TYR A 204 28.17 0.49 -3.36
C TYR A 204 28.72 1.71 -2.63
N ALA A 205 28.75 1.67 -1.31
CA ALA A 205 29.26 2.79 -0.53
C ALA A 205 30.73 3.09 -0.86
N LEU A 206 31.54 2.06 -1.03
CA LEU A 206 32.94 2.29 -1.36
C LEU A 206 33.11 2.73 -2.81
N ALA A 207 32.27 2.22 -3.69
CA ALA A 207 32.35 2.57 -5.11
C ALA A 207 32.08 4.05 -5.35
N GLN A 208 31.17 4.63 -4.56
CA GLN A 208 30.83 6.04 -4.70
C GLN A 208 32.00 6.96 -4.39
N MET A 209 32.96 6.48 -3.59
CA MET A 209 34.12 7.31 -3.30
C MET A 209 35.37 6.70 -3.91
N GLY A 210 35.18 5.95 -5.00
CA GLY A 210 36.28 5.33 -5.70
C GLY A 210 37.26 4.50 -4.89
N ARG A 211 36.78 3.83 -3.85
CA ARG A 211 37.65 3.01 -3.03
C ARG A 211 37.38 1.52 -3.20
N LEU A 212 36.50 1.18 -4.14
CA LEU A 212 36.24 -0.22 -4.39
C LEU A 212 37.10 -0.63 -5.58
N LYS A 213 38.30 -1.08 -5.30
CA LYS A 213 39.20 -1.55 -6.35
C LYS A 213 40.19 -2.58 -5.82
N GLY A 214 41.09 -3.03 -6.68
CA GLY A 214 42.08 -4.01 -6.29
C GLY A 214 41.41 -5.25 -5.70
N PRO A 215 41.93 -5.78 -4.58
CA PRO A 215 41.32 -6.97 -3.99
C PRO A 215 39.87 -6.77 -3.49
N LEU A 216 39.53 -5.54 -3.12
CA LEU A 216 38.16 -5.29 -2.65
C LEU A 216 37.16 -5.46 -3.80
N LEU A 217 37.49 -4.91 -4.97
CA LEU A 217 36.63 -5.04 -6.13
C LEU A 217 36.54 -6.51 -6.52
N ASN A 218 37.66 -7.23 -6.48
CA ASN A 218 37.66 -8.65 -6.82
C ASN A 218 36.72 -9.38 -5.84
N LYS A 219 36.77 -9.01 -4.56
CA LYS A 219 35.90 -9.66 -3.58
C LYS A 219 34.44 -9.38 -3.94
N PHE A 220 34.15 -8.11 -4.23
CA PHE A 220 32.81 -7.70 -4.60
C PHE A 220 32.28 -8.50 -5.78
N LEU A 221 33.07 -8.57 -6.85
CA LEU A 221 32.65 -9.29 -8.05
C LEU A 221 32.52 -10.80 -7.87
N THR A 222 33.47 -11.43 -7.18
CA THR A 222 33.41 -12.89 -7.01
C THR A 222 32.36 -13.37 -6.02
N THR A 223 31.81 -12.45 -5.24
CA THR A 223 30.77 -12.82 -4.29
C THR A 223 29.48 -13.15 -5.07
N ALA A 224 29.29 -12.49 -6.21
CA ALA A 224 28.10 -12.75 -7.01
C ALA A 224 27.95 -14.23 -7.40
N LYS A 225 26.70 -14.70 -7.33
CA LYS A 225 26.35 -16.07 -7.69
C LYS A 225 26.05 -16.03 -9.18
N ASP A 226 26.74 -16.89 -9.95
CA ASP A 226 26.54 -16.95 -11.40
C ASP A 226 26.69 -15.60 -12.07
N LYS A 227 27.47 -14.72 -11.44
CA LYS A 227 27.72 -13.39 -12.00
C LYS A 227 26.48 -12.54 -12.26
N ASN A 228 25.37 -12.81 -11.57
CA ASN A 228 24.18 -12.00 -11.82
C ASN A 228 23.38 -11.65 -10.57
N ARG A 229 23.86 -12.07 -9.41
CA ARG A 229 23.11 -11.78 -8.19
C ARG A 229 23.94 -11.97 -6.93
N TRP A 230 23.57 -11.21 -5.91
CA TRP A 230 24.22 -11.28 -4.62
C TRP A 230 23.15 -11.82 -3.68
N GLU A 231 23.35 -13.04 -3.19
CA GLU A 231 22.36 -13.65 -2.32
C GLU A 231 22.91 -14.41 -1.14
N ASP A 232 22.08 -14.49 -0.10
CA ASP A 232 22.42 -15.22 1.12
C ASP A 232 21.22 -16.06 1.52
N PRO A 233 21.44 -17.12 2.29
CA PRO A 233 20.28 -17.90 2.68
C PRO A 233 19.46 -17.04 3.65
N GLY A 234 18.22 -16.76 3.26
CA GLY A 234 17.32 -15.93 4.06
C GLY A 234 16.19 -15.54 3.15
N LYS A 235 15.46 -14.48 3.52
CA LYS A 235 14.36 -14.02 2.69
C LYS A 235 14.85 -13.56 1.32
N GLN A 236 14.06 -13.82 0.28
CA GLN A 236 14.42 -13.43 -1.08
C GLN A 236 14.47 -11.89 -1.20
N LEU A 237 13.71 -11.20 -0.35
CA LEU A 237 13.68 -9.75 -0.40
C LEU A 237 15.03 -9.09 -0.17
N TYR A 238 15.82 -9.64 0.74
CA TYR A 238 17.14 -9.10 1.04
C TYR A 238 18.06 -9.28 -0.18
N ASN A 239 17.88 -10.39 -0.89
CA ASN A 239 18.68 -10.66 -2.08
C ASN A 239 18.32 -9.69 -3.19
N VAL A 240 17.05 -9.33 -3.29
CA VAL A 240 16.64 -8.37 -4.31
C VAL A 240 17.21 -7.00 -3.94
N GLU A 241 17.27 -6.72 -2.65
CA GLU A 241 17.81 -5.45 -2.16
C GLU A 241 19.32 -5.41 -2.38
N ALA A 242 19.99 -6.48 -1.99
CA ALA A 242 21.45 -6.60 -2.13
C ALA A 242 21.88 -6.47 -3.59
N THR A 243 21.23 -7.23 -4.47
CA THR A 243 21.57 -7.20 -5.88
C THR A 243 21.38 -5.81 -6.45
N SER A 244 20.42 -5.07 -5.90
CA SER A 244 20.18 -3.70 -6.37
C SER A 244 21.32 -2.78 -5.93
N TYR A 245 21.81 -2.95 -4.70
CA TYR A 245 22.93 -2.15 -4.23
C TYR A 245 24.14 -2.49 -5.11
N ALA A 246 24.30 -3.77 -5.40
CA ALA A 246 25.41 -4.22 -6.23
C ALA A 246 25.32 -3.60 -7.61
N LEU A 247 24.12 -3.50 -8.15
CA LEU A 247 23.95 -2.91 -9.47
C LEU A 247 24.37 -1.45 -9.45
N LEU A 248 24.02 -0.75 -8.37
CA LEU A 248 24.40 0.65 -8.25
C LEU A 248 25.92 0.80 -8.15
N ALA A 249 26.57 -0.20 -7.54
CA ALA A 249 28.01 -0.18 -7.41
C ALA A 249 28.61 -0.31 -8.81
N LEU A 250 28.16 -1.35 -9.52
CA LEU A 250 28.63 -1.61 -10.87
C LEU A 250 28.46 -0.39 -11.76
N LEU A 251 27.36 0.34 -11.59
CA LEU A 251 27.11 1.53 -12.41
C LEU A 251 28.08 2.63 -12.02
N GLN A 252 28.46 2.63 -10.75
CA GLN A 252 29.39 3.62 -10.23
C GLN A 252 30.78 3.32 -10.80
N LEU A 253 31.06 2.04 -11.01
CA LEU A 253 32.34 1.60 -11.56
C LEU A 253 32.36 1.66 -13.08
N LYS A 254 31.18 1.83 -13.66
CA LYS A 254 30.99 1.86 -15.11
C LYS A 254 31.38 0.52 -15.72
N ASP A 255 31.23 -0.55 -14.94
CA ASP A 255 31.56 -1.88 -15.43
C ASP A 255 30.31 -2.38 -16.18
N PHE A 256 30.07 -1.85 -17.37
CA PHE A 256 28.90 -2.21 -18.15
C PHE A 256 29.00 -3.59 -18.78
N ASP A 257 30.12 -4.27 -18.56
CA ASP A 257 30.31 -5.61 -19.09
C ASP A 257 29.62 -6.60 -18.14
N PHE A 258 29.67 -6.29 -16.85
CA PHE A 258 29.07 -7.13 -15.82
C PHE A 258 27.60 -6.80 -15.56
N VAL A 259 27.18 -5.59 -15.94
CA VAL A 259 25.81 -5.11 -15.74
C VAL A 259 24.63 -5.89 -16.35
N PRO A 260 24.67 -6.20 -17.65
CA PRO A 260 23.57 -6.94 -18.30
C PRO A 260 22.97 -8.15 -17.57
N PRO A 261 23.81 -9.10 -17.12
CA PRO A 261 23.28 -10.28 -16.42
C PRO A 261 22.53 -9.87 -15.13
N VAL A 262 23.07 -8.87 -14.43
CA VAL A 262 22.47 -8.43 -13.19
C VAL A 262 21.11 -7.79 -13.40
N VAL A 263 21.01 -6.91 -14.40
CA VAL A 263 19.74 -6.29 -14.70
C VAL A 263 18.73 -7.35 -15.15
N ARG A 264 19.21 -8.36 -15.88
CA ARG A 264 18.34 -9.44 -16.35
C ARG A 264 17.77 -10.23 -15.18
N TRP A 265 18.61 -10.54 -14.20
CA TRP A 265 18.14 -11.29 -13.04
C TRP A 265 17.08 -10.44 -12.33
N LEU A 266 17.40 -9.18 -12.08
CA LEU A 266 16.45 -8.29 -11.42
C LEU A 266 15.13 -8.24 -12.17
N ASN A 267 15.17 -8.07 -13.48
CA ASN A 267 13.94 -8.02 -14.26
C ASN A 267 13.15 -9.32 -14.18
N GLU A 268 13.87 -10.45 -14.20
CA GLU A 268 13.23 -11.76 -14.14
C GLU A 268 12.62 -12.07 -12.77
N GLN A 269 12.88 -11.25 -11.76
CA GLN A 269 12.28 -11.50 -10.46
C GLN A 269 10.85 -10.98 -10.48
N ARG A 270 10.57 -10.11 -11.44
CA ARG A 270 9.25 -9.51 -11.56
C ARG A 270 8.82 -8.99 -10.18
N TYR A 271 9.74 -8.32 -9.52
CA TYR A 271 9.44 -7.77 -8.22
C TYR A 271 8.99 -6.34 -8.46
N TYR A 272 7.75 -6.04 -8.11
CA TYR A 272 7.23 -4.70 -8.34
C TYR A 272 6.95 -3.91 -7.05
N GLY A 273 7.57 -4.33 -5.95
CA GLY A 273 7.43 -3.65 -4.67
C GLY A 273 6.06 -3.57 -4.03
N GLY A 274 6.00 -2.91 -2.88
CA GLY A 274 4.75 -2.75 -2.18
C GLY A 274 4.48 -3.86 -1.17
N GLY A 275 3.73 -3.54 -0.13
CA GLY A 275 3.40 -4.53 0.88
C GLY A 275 4.30 -4.49 2.08
N TYR A 276 3.90 -5.24 3.10
CA TYR A 276 4.62 -5.36 4.36
C TYR A 276 6.06 -5.83 4.16
N GLY A 277 6.99 -5.11 4.80
CA GLY A 277 8.40 -5.43 4.74
C GLY A 277 9.09 -5.29 3.40
N SER A 278 8.51 -4.47 2.52
CA SER A 278 9.06 -4.28 1.17
C SER A 278 9.79 -2.96 0.98
N THR A 279 9.83 -2.14 2.02
CA THR A 279 10.43 -0.82 1.93
C THR A 279 11.82 -0.73 1.27
N GLN A 280 12.81 -1.42 1.81
CA GLN A 280 14.13 -1.33 1.21
C GLN A 280 14.17 -1.95 -0.19
N ALA A 281 13.51 -3.09 -0.37
CA ALA A 281 13.51 -3.74 -1.68
C ALA A 281 12.85 -2.87 -2.74
N THR A 282 11.74 -2.24 -2.37
CA THR A 282 11.02 -1.39 -3.29
C THR A 282 11.83 -0.17 -3.66
N PHE A 283 12.37 0.51 -2.66
CA PHE A 283 13.13 1.72 -2.91
C PHE A 283 14.40 1.42 -3.69
N MET A 284 15.12 0.38 -3.27
CA MET A 284 16.37 0.02 -3.93
C MET A 284 16.28 -0.53 -5.34
N VAL A 285 15.38 -1.47 -5.58
CA VAL A 285 15.29 -2.02 -6.93
C VAL A 285 14.99 -0.92 -7.93
N PHE A 286 14.04 -0.05 -7.61
CA PHE A 286 13.71 1.00 -8.55
C PHE A 286 14.74 2.12 -8.64
N GLN A 287 15.46 2.39 -7.55
CA GLN A 287 16.50 3.40 -7.62
C GLN A 287 17.56 2.82 -8.56
N ALA A 288 17.86 1.53 -8.38
CA ALA A 288 18.86 0.85 -9.20
C ALA A 288 18.51 0.79 -10.68
N LEU A 289 17.29 0.36 -10.99
CA LEU A 289 16.84 0.28 -12.37
C LEU A 289 16.76 1.67 -13.00
N ALA A 290 16.36 2.67 -12.24
CA ALA A 290 16.30 4.04 -12.76
C ALA A 290 17.72 4.50 -13.10
N GLN A 291 18.65 4.27 -12.18
CA GLN A 291 20.05 4.65 -12.43
C GLN A 291 20.56 3.93 -13.67
N TYR A 292 20.22 2.66 -13.77
CA TYR A 292 20.62 1.87 -14.92
C TYR A 292 20.09 2.52 -16.20
N GLN A 293 18.77 2.74 -16.26
CA GLN A 293 18.13 3.35 -17.42
C GLN A 293 18.78 4.68 -17.78
N LYS A 294 19.30 5.37 -16.78
CA LYS A 294 19.94 6.66 -16.98
C LYS A 294 21.42 6.57 -17.39
N ASP A 295 22.13 5.57 -16.90
CA ASP A 295 23.55 5.43 -17.20
C ASP A 295 23.88 4.51 -18.37
N ALA A 296 23.57 3.23 -18.22
CA ALA A 296 23.91 2.23 -19.24
C ALA A 296 23.83 2.70 -20.68
N PRO A 297 24.84 2.33 -21.50
CA PRO A 297 24.92 2.70 -22.92
C PRO A 297 23.74 2.17 -23.75
N THR B 1 35.91 33.39 -0.26
CA THR B 1 34.67 34.03 -0.77
C THR B 1 34.24 33.44 -2.12
N ASP B 2 34.81 32.29 -2.48
CA ASP B 2 34.40 31.63 -3.72
C ASP B 2 33.02 31.09 -3.36
N ALA B 3 32.80 30.92 -2.05
CA ALA B 3 31.54 30.43 -1.49
C ALA B 3 30.41 31.41 -1.78
N THR B 4 30.74 32.66 -2.02
CA THR B 4 29.73 33.67 -2.34
C THR B 4 29.36 33.53 -3.80
N ILE B 5 30.34 33.17 -4.63
CA ILE B 5 30.15 32.97 -6.06
C ILE B 5 29.35 31.69 -6.32
N LYS B 6 29.62 30.65 -5.53
CA LYS B 6 28.89 29.40 -5.67
C LYS B 6 27.43 29.65 -5.40
N LYS B 7 27.14 30.30 -4.26
CA LYS B 7 25.78 30.61 -3.90
C LYS B 7 25.15 31.51 -4.94
N GLU B 8 25.91 32.47 -5.46
CA GLU B 8 25.35 33.36 -6.48
C GLU B 8 25.04 32.57 -7.75
N GLN B 9 25.89 31.60 -8.07
CA GLN B 9 25.69 30.77 -9.25
C GLN B 9 24.49 29.83 -9.12
N LYS B 10 24.30 29.28 -7.93
CA LYS B 10 23.18 28.38 -7.67
C LYS B 10 21.91 29.17 -7.96
N LEU B 11 21.89 30.40 -7.46
CA LEU B 11 20.77 31.30 -7.62
C LEU B 11 20.47 31.56 -9.10
N ILE B 12 21.51 31.82 -9.89
CA ILE B 12 21.32 32.08 -11.33
C ILE B 12 20.79 30.82 -11.99
N GLN B 13 21.45 29.69 -11.72
CA GLN B 13 21.04 28.40 -12.26
C GLN B 13 19.56 28.18 -11.99
N ALA B 14 19.15 28.44 -10.75
CA ALA B 14 17.75 28.25 -10.36
C ALA B 14 16.83 29.16 -11.18
N GLN B 15 17.16 30.45 -11.19
CA GLN B 15 16.39 31.45 -11.92
C GLN B 15 16.25 31.08 -13.39
N ASN B 16 17.33 30.60 -13.99
CA ASN B 16 17.31 30.21 -15.39
C ASN B 16 16.43 28.99 -15.65
N LEU B 17 16.61 27.96 -14.85
CA LEU B 17 15.84 26.73 -15.02
C LEU B 17 14.37 26.92 -14.69
N VAL B 18 14.08 27.77 -13.71
CA VAL B 18 12.68 28.05 -13.36
C VAL B 18 12.04 28.77 -14.53
N ARG B 19 12.73 29.76 -15.08
CA ARG B 19 12.21 30.49 -16.22
C ARG B 19 11.98 29.53 -17.39
N GLU B 20 12.91 28.59 -17.55
CA GLU B 20 12.81 27.60 -18.61
C GLU B 20 11.63 26.66 -18.37
N PHE B 21 11.37 26.30 -17.11
CA PHE B 21 10.23 25.43 -16.79
C PHE B 21 8.96 26.14 -17.23
N GLU B 22 8.88 27.43 -16.93
CA GLU B 22 7.72 28.24 -17.30
C GLU B 22 7.54 28.26 -18.81
N LYS B 23 8.60 27.94 -19.55
CA LYS B 23 8.52 27.94 -21.01
C LYS B 23 8.14 26.61 -21.65
N THR B 24 8.60 25.47 -21.09
CA THR B 24 8.28 24.19 -21.71
C THR B 24 7.27 23.31 -20.98
N HIS B 25 7.15 23.47 -19.66
CA HIS B 25 6.22 22.68 -18.86
C HIS B 25 6.39 21.16 -18.94
N THR B 26 7.62 20.70 -19.14
CA THR B 26 7.86 19.26 -19.23
C THR B 26 8.23 18.69 -17.87
N VAL B 27 8.17 17.36 -17.74
CA VAL B 27 8.53 16.71 -16.49
C VAL B 27 10.03 16.91 -16.28
N SER B 28 10.77 16.81 -17.37
CA SER B 28 12.22 16.98 -17.34
C SER B 28 12.58 18.35 -16.79
N ALA B 29 11.96 19.39 -17.36
CA ALA B 29 12.23 20.77 -16.94
C ALA B 29 11.79 21.01 -15.50
N HIS B 30 10.72 20.33 -15.08
CA HIS B 30 10.23 20.47 -13.72
C HIS B 30 11.31 19.99 -12.75
N ALA B 31 11.85 18.81 -13.01
CA ALA B 31 12.88 18.21 -12.18
C ALA B 31 14.13 19.10 -12.03
N LYS B 32 14.62 19.61 -13.15
CA LYS B 32 15.81 20.47 -13.11
C LYS B 32 15.53 21.73 -12.31
N ALA B 33 14.37 22.33 -12.55
CA ALA B 33 14.01 23.54 -11.84
C ALA B 33 13.86 23.28 -10.33
N GLN B 34 13.09 22.26 -9.97
CA GLN B 34 12.87 21.92 -8.57
C GLN B 34 14.18 21.66 -7.83
N LYS B 35 15.02 20.81 -8.40
CA LYS B 35 16.30 20.50 -7.75
C LYS B 35 17.13 21.77 -7.59
N ALA B 36 17.23 22.54 -8.67
CA ALA B 36 17.99 23.78 -8.65
C ALA B 36 17.51 24.71 -7.53
N VAL B 37 16.20 24.89 -7.42
CA VAL B 37 15.66 25.75 -6.38
C VAL B 37 16.01 25.21 -5.00
N ASN B 38 15.86 23.91 -4.80
CA ASN B 38 16.17 23.32 -3.50
C ASN B 38 17.64 23.52 -3.11
N LEU B 39 18.47 23.85 -4.08
CA LEU B 39 19.89 24.07 -3.84
C LEU B 39 20.26 25.49 -3.47
N VAL B 40 19.35 26.44 -3.70
CA VAL B 40 19.61 27.84 -3.36
C VAL B 40 19.69 28.01 -1.85
N SER B 41 20.75 28.67 -1.40
CA SER B 41 21.01 28.92 0.03
C SER B 41 19.88 29.69 0.70
N PHE B 42 19.72 29.43 2.00
CA PHE B 42 18.70 30.10 2.80
C PHE B 42 19.06 31.60 2.86
N GLU B 43 20.25 31.92 2.35
CA GLU B 43 20.71 33.29 2.29
C GLU B 43 19.74 34.09 1.44
N TYR B 44 19.20 33.42 0.42
CA TYR B 44 18.24 34.05 -0.48
C TYR B 44 16.86 33.50 -0.19
N LYS B 45 16.61 33.22 1.09
CA LYS B 45 15.33 32.69 1.52
C LYS B 45 14.14 33.32 0.81
N VAL B 46 14.22 34.62 0.53
CA VAL B 46 13.11 35.29 -0.15
C VAL B 46 12.95 34.98 -1.64
N LYS B 47 14.02 35.10 -2.42
CA LYS B 47 13.84 34.81 -3.82
C LYS B 47 13.67 33.31 -4.05
N LYS B 48 14.07 32.51 -3.07
CA LYS B 48 13.92 31.06 -3.13
C LYS B 48 12.43 30.77 -3.04
N MET B 49 11.75 31.46 -2.11
CA MET B 49 10.31 31.30 -1.93
C MET B 49 9.58 31.70 -3.20
N VAL B 50 9.98 32.82 -3.81
CA VAL B 50 9.34 33.31 -5.03
C VAL B 50 9.55 32.34 -6.19
N LEU B 51 10.76 31.79 -6.30
CA LEU B 51 11.07 30.83 -7.36
C LEU B 51 10.25 29.55 -7.18
N GLN B 52 10.19 29.07 -5.95
CA GLN B 52 9.41 27.88 -5.61
C GLN B 52 7.93 28.11 -5.90
N GLU B 53 7.44 29.29 -5.53
CA GLU B 53 6.05 29.63 -5.75
C GLU B 53 5.80 29.60 -7.25
N ARG B 54 6.80 30.03 -8.03
CA ARG B 54 6.68 30.03 -9.49
C ARG B 54 6.58 28.62 -10.03
N ILE B 55 7.29 27.69 -9.40
CA ILE B 55 7.27 26.30 -9.79
C ILE B 55 5.88 25.73 -9.51
N ASP B 56 5.42 25.96 -8.29
CA ASP B 56 4.11 25.47 -7.88
C ASP B 56 3.02 25.95 -8.85
N ASN B 57 3.17 27.16 -9.39
CA ASN B 57 2.17 27.70 -10.31
C ASN B 57 2.16 27.02 -11.67
N VAL B 58 3.34 26.71 -12.21
CA VAL B 58 3.44 26.01 -13.48
C VAL B 58 2.81 24.64 -13.29
N LEU B 59 2.99 24.06 -12.11
CA LEU B 59 2.40 22.75 -11.84
C LEU B 59 0.88 22.85 -11.82
N LYS B 60 0.36 23.98 -11.36
CA LYS B 60 -1.08 24.19 -11.28
C LYS B 60 -1.65 24.29 -12.70
N GLN B 61 -0.86 24.84 -13.62
CA GLN B 61 -1.28 24.97 -15.02
C GLN B 61 -1.35 23.61 -15.71
N GLY B 62 -0.40 22.73 -15.40
CA GLY B 62 -0.39 21.40 -16.00
C GLY B 62 0.86 21.13 -16.83
N LEU B 63 1.32 19.89 -16.83
CA LEU B 63 2.50 19.53 -17.60
C LEU B 63 2.07 18.87 -18.91
N VAL B 64 3.00 18.77 -19.87
CA VAL B 64 2.70 18.18 -21.17
C VAL B 64 3.86 17.35 -21.73
N ARG B 65 3.89 16.08 -21.34
CA ARG B 65 4.94 15.13 -21.74
C ARG B 65 6.19 15.27 -20.87
N GLY C 1 -14.90 -22.93 -15.67
CA GLY C 1 -14.07 -21.94 -14.95
C GLY C 1 -12.91 -21.42 -15.78
N SER C 2 -12.30 -20.32 -15.32
CA SER C 2 -11.16 -19.75 -16.01
C SER C 2 -9.96 -19.84 -15.07
N ARG C 3 -8.77 -19.59 -15.61
CA ARG C 3 -7.56 -19.61 -14.79
C ARG C 3 -7.64 -18.56 -13.68
N SER C 4 -7.16 -18.95 -12.50
CA SER C 4 -7.14 -18.07 -11.35
C SER C 4 -6.13 -16.94 -11.60
N THR C 5 -6.36 -15.79 -11.00
CA THR C 5 -5.42 -14.67 -11.14
C THR C 5 -4.19 -15.08 -10.32
N ASP C 6 -3.04 -15.12 -10.96
CA ASP C 6 -1.79 -15.53 -10.31
C ASP C 6 -1.46 -14.79 -9.01
N ALA C 7 -1.23 -15.59 -7.96
CA ALA C 7 -0.90 -15.10 -6.63
C ALA C 7 0.26 -14.13 -6.56
N GLU C 8 1.16 -14.18 -7.52
CA GLU C 8 2.31 -13.29 -7.51
C GLU C 8 1.93 -11.85 -7.81
N ARG C 9 0.84 -11.68 -8.55
CA ARG C 9 0.35 -10.36 -8.90
C ARG C 9 -0.30 -9.72 -7.68
N LEU C 10 -0.56 -10.51 -6.65
CA LEU C 10 -1.23 -9.98 -5.46
C LEU C 10 -0.38 -9.71 -4.23
N LYS C 11 0.92 -9.99 -4.29
CA LYS C 11 1.77 -9.79 -3.12
C LYS C 11 1.77 -8.39 -2.50
N HIS C 12 1.59 -7.36 -3.32
CA HIS C 12 1.56 -6.01 -2.77
C HIS C 12 0.27 -5.73 -1.96
N LEU C 13 -0.70 -6.64 -1.98
CA LEU C 13 -1.95 -6.41 -1.24
C LEU C 13 -1.89 -6.71 0.25
N ILE C 14 -0.80 -7.33 0.71
CA ILE C 14 -0.60 -7.64 2.14
C ILE C 14 -0.01 -6.36 2.71
N VAL C 15 -0.88 -5.54 3.30
CA VAL C 15 -0.51 -4.24 3.82
C VAL C 15 -0.71 -4.06 5.33
N THR C 16 0.06 -3.15 5.91
CA THR C 16 -0.08 -2.82 7.33
C THR C 16 -1.16 -1.75 7.43
N PRO C 17 -2.19 -1.94 8.28
CA PRO C 17 -3.21 -0.89 8.36
C PRO C 17 -2.77 0.22 9.33
N SER C 18 -2.97 1.48 8.95
CA SER C 18 -2.58 2.59 9.82
C SER C 18 -3.55 3.72 9.59
N GLY C 19 -3.35 4.81 10.32
CA GLY C 19 -4.21 5.97 10.19
C GLY C 19 -5.37 5.91 11.15
N ALA C 20 -6.34 6.80 10.95
CA ALA C 20 -7.52 6.90 11.79
C ALA C 20 -8.69 6.05 11.28
N GLY C 21 -9.93 6.40 11.65
CA GLY C 21 -11.10 5.63 11.26
C GLY C 21 -11.36 5.24 9.80
N GLU C 22 -10.91 6.07 8.87
CA GLU C 22 -11.11 5.79 7.46
C GLU C 22 -9.87 5.15 6.87
N GLN C 23 -8.73 5.81 7.09
CA GLN C 23 -7.46 5.33 6.56
C GLN C 23 -7.17 3.90 7.02
N ASN C 24 -7.56 3.56 8.24
CA ASN C 24 -7.34 2.20 8.75
C ASN C 24 -8.08 1.19 7.88
N MET C 25 -9.30 1.54 7.44
CA MET C 25 -10.05 0.60 6.59
C MET C 25 -9.44 0.53 5.19
N ILE C 26 -8.81 1.61 4.76
CA ILE C 26 -8.15 1.64 3.46
C ILE C 26 -7.01 0.62 3.49
N GLY C 27 -6.30 0.54 4.61
CA GLY C 27 -5.20 -0.42 4.71
C GLY C 27 -5.68 -1.86 4.92
N MET C 28 -6.78 -2.01 5.65
CA MET C 28 -7.33 -3.32 5.94
C MET C 28 -7.94 -4.03 4.70
N THR C 29 -8.55 -3.26 3.81
CA THR C 29 -9.20 -3.79 2.61
C THR C 29 -8.38 -4.76 1.76
N PRO C 30 -7.24 -4.29 1.20
CA PRO C 30 -6.42 -5.17 0.36
C PRO C 30 -5.99 -6.48 0.99
N THR C 31 -5.58 -6.45 2.25
CA THR C 31 -5.12 -7.63 2.94
C THR C 31 -6.27 -8.60 3.17
N VAL C 32 -7.42 -8.09 3.59
CA VAL C 32 -8.55 -8.96 3.82
C VAL C 32 -8.96 -9.63 2.51
N ILE C 33 -9.09 -8.84 1.45
CA ILE C 33 -9.53 -9.40 0.17
C ILE C 33 -8.50 -10.32 -0.48
N ALA C 34 -7.21 -9.99 -0.34
CA ALA C 34 -6.16 -10.84 -0.89
C ALA C 34 -6.23 -12.21 -0.22
N VAL C 35 -6.27 -12.24 1.11
CA VAL C 35 -6.35 -13.52 1.81
C VAL C 35 -7.60 -14.30 1.39
N HIS C 36 -8.72 -13.59 1.31
CA HIS C 36 -9.98 -14.17 0.87
C HIS C 36 -9.83 -14.85 -0.49
N TYR C 37 -9.29 -14.12 -1.45
CA TYR C 37 -9.09 -14.67 -2.80
C TYR C 37 -8.12 -15.84 -2.83
N LEU C 38 -6.97 -15.69 -2.18
CA LEU C 38 -5.98 -16.75 -2.16
C LEU C 38 -6.48 -18.01 -1.45
N ASP C 39 -7.36 -17.83 -0.47
CA ASP C 39 -7.92 -18.98 0.24
C ASP C 39 -8.84 -19.71 -0.72
N GLU C 40 -9.72 -18.96 -1.37
CA GLU C 40 -10.67 -19.57 -2.29
C GLU C 40 -10.01 -20.24 -3.49
N THR C 41 -9.01 -19.59 -4.08
CA THR C 41 -8.34 -20.17 -5.24
C THR C 41 -7.20 -21.11 -4.85
N GLU C 42 -7.05 -21.35 -3.56
CA GLU C 42 -6.03 -22.27 -3.04
C GLU C 42 -4.62 -22.11 -3.61
N GLN C 43 -4.07 -20.90 -3.47
CA GLN C 43 -2.75 -20.61 -3.96
C GLN C 43 -1.73 -20.43 -2.86
N TRP C 44 -2.05 -20.81 -1.63
CA TRP C 44 -1.08 -20.59 -0.56
C TRP C 44 0.15 -21.49 -0.64
N GLU C 45 -0.08 -22.77 -0.94
CA GLU C 45 0.99 -23.74 -1.05
C GLU C 45 2.00 -23.20 -2.06
N LYS C 46 1.57 -23.03 -3.31
CA LYS C 46 2.45 -22.51 -4.34
C LYS C 46 2.57 -20.99 -4.23
N PHE C 47 2.91 -20.50 -3.03
CA PHE C 47 3.07 -19.06 -2.81
C PHE C 47 3.60 -18.69 -1.42
N GLY C 48 3.38 -19.54 -0.43
CA GLY C 48 3.88 -19.22 0.89
C GLY C 48 2.87 -19.33 2.01
N LEU C 49 2.54 -20.56 2.36
CA LEU C 49 1.60 -20.86 3.40
C LEU C 49 1.84 -20.06 4.67
N GLU C 50 3.10 -19.77 4.96
CA GLU C 50 3.45 -19.02 6.16
C GLU C 50 3.12 -17.53 6.05
N LYS C 51 3.12 -17.01 4.82
CA LYS C 51 2.79 -15.61 4.60
C LYS C 51 1.35 -15.35 5.04
N ARG C 52 0.51 -16.38 4.96
CA ARG C 52 -0.88 -16.25 5.35
C ARG C 52 -1.02 -15.90 6.83
N GLN C 53 -0.20 -16.52 7.68
CA GLN C 53 -0.30 -16.22 9.10
C GLN C 53 0.08 -14.77 9.37
N GLY C 54 1.03 -14.25 8.59
CA GLY C 54 1.42 -12.86 8.74
C GLY C 54 0.27 -11.95 8.34
N ALA C 55 -0.39 -12.30 7.23
CA ALA C 55 -1.52 -11.51 6.76
C ALA C 55 -2.65 -11.54 7.79
N LEU C 56 -2.94 -12.72 8.33
CA LEU C 56 -4.00 -12.84 9.33
C LEU C 56 -3.68 -11.91 10.49
N GLU C 57 -2.40 -11.80 10.80
CA GLU C 57 -1.94 -10.93 11.87
C GLU C 57 -2.21 -9.47 11.55
N LEU C 58 -2.05 -9.08 10.29
CA LEU C 58 -2.30 -7.70 9.93
C LEU C 58 -3.80 -7.41 9.96
N ILE C 59 -4.61 -8.40 9.59
CA ILE C 59 -6.07 -8.27 9.61
C ILE C 59 -6.50 -8.10 11.06
N LYS C 60 -5.96 -8.95 11.92
CA LYS C 60 -6.24 -8.89 13.36
C LYS C 60 -5.95 -7.48 13.83
N LYS C 61 -4.81 -6.95 13.38
CA LYS C 61 -4.37 -5.61 13.75
C LYS C 61 -5.30 -4.52 13.23
N GLY C 62 -5.78 -4.67 12.01
CA GLY C 62 -6.70 -3.68 11.46
C GLY C 62 -7.99 -3.67 12.25
N TYR C 63 -8.52 -4.87 12.47
CA TYR C 63 -9.76 -5.03 13.20
C TYR C 63 -9.66 -4.41 14.57
N THR C 64 -8.59 -4.73 15.30
CA THR C 64 -8.37 -4.20 16.64
C THR C 64 -8.33 -2.68 16.68
N GLN C 65 -7.60 -2.10 15.72
CA GLN C 65 -7.42 -0.65 15.62
C GLN C 65 -8.73 0.03 15.22
N GLN C 66 -9.53 -0.66 14.42
CA GLN C 66 -10.80 -0.09 13.98
C GLN C 66 -11.75 0.07 15.16
N LEU C 67 -11.63 -0.82 16.13
CA LEU C 67 -12.50 -0.76 17.32
C LEU C 67 -12.27 0.52 18.12
N ALA C 68 -11.09 1.11 18.00
CA ALA C 68 -10.81 2.35 18.72
C ALA C 68 -11.64 3.49 18.15
N PHE C 69 -12.23 3.25 16.98
CA PHE C 69 -13.05 4.26 16.33
C PHE C 69 -14.54 3.91 16.38
N ARG C 70 -14.89 2.88 17.14
CA ARG C 70 -16.27 2.49 17.30
C ARG C 70 -16.85 3.47 18.32
N GLN C 71 -17.89 4.20 17.93
CA GLN C 71 -18.50 5.18 18.84
C GLN C 71 -19.57 4.49 19.71
N PRO C 72 -20.00 5.14 20.81
CA PRO C 72 -21.01 4.57 21.70
C PRO C 72 -22.25 4.06 20.97
N SER C 73 -22.57 4.68 19.84
CA SER C 73 -23.73 4.30 19.03
C SER C 73 -23.56 3.04 18.18
N SER C 74 -22.32 2.55 18.10
CA SER C 74 -21.92 1.38 17.32
C SER C 74 -21.53 1.81 15.89
N ALA C 75 -21.69 3.10 15.59
CA ALA C 75 -21.30 3.63 14.28
C ALA C 75 -19.80 3.98 14.23
N PHE C 76 -19.30 4.29 13.04
CA PHE C 76 -17.90 4.64 12.84
C PHE C 76 -17.72 5.94 12.07
N ALA C 77 -16.57 6.58 12.29
CA ALA C 77 -16.18 7.84 11.64
C ALA C 77 -14.66 7.91 11.74
N ALA C 78 -14.06 8.82 10.98
CA ALA C 78 -12.61 8.99 11.00
C ALA C 78 -12.08 9.13 12.44
N PHE C 79 -12.78 9.92 13.25
CA PHE C 79 -12.40 10.18 14.65
C PHE C 79 -13.63 9.95 15.53
N VAL C 80 -13.44 9.59 16.80
CA VAL C 80 -14.55 9.28 17.71
C VAL C 80 -15.54 10.42 18.00
N LYS C 81 -15.12 11.67 17.81
CA LYS C 81 -16.01 12.79 18.09
C LYS C 81 -16.55 13.40 16.80
N ARG C 82 -16.23 12.77 15.67
CA ARG C 82 -16.75 13.26 14.39
C ARG C 82 -18.10 12.59 14.14
N ALA C 83 -19.04 13.31 13.55
CA ALA C 83 -20.35 12.71 13.28
C ALA C 83 -20.13 11.42 12.47
N PRO C 84 -20.81 10.34 12.86
CA PRO C 84 -20.68 9.05 12.19
C PRO C 84 -21.09 9.03 10.72
N SER C 85 -20.32 8.29 9.92
CA SER C 85 -20.60 8.16 8.50
C SER C 85 -21.43 6.92 8.20
N THR C 86 -22.52 7.10 7.46
CA THR C 86 -23.37 5.99 7.07
C THR C 86 -22.56 5.06 6.20
N TRP C 87 -21.91 5.62 5.18
CA TRP C 87 -21.11 4.81 4.28
C TRP C 87 -20.00 4.05 4.99
N LEU C 88 -19.22 4.75 5.83
CA LEU C 88 -18.12 4.07 6.52
C LEU C 88 -18.60 2.96 7.43
N THR C 89 -19.71 3.20 8.13
CA THR C 89 -20.24 2.18 9.02
C THR C 89 -20.69 0.99 8.18
N ALA C 90 -21.31 1.26 7.03
CA ALA C 90 -21.75 0.18 6.17
C ALA C 90 -20.55 -0.55 5.58
N TYR C 91 -19.49 0.20 5.28
CA TYR C 91 -18.29 -0.42 4.70
C TYR C 91 -17.59 -1.30 5.73
N VAL C 92 -17.63 -0.87 6.99
CA VAL C 92 -17.00 -1.66 8.03
C VAL C 92 -17.78 -2.97 8.14
N VAL C 93 -19.09 -2.91 8.02
CA VAL C 93 -19.92 -4.12 8.07
C VAL C 93 -19.56 -5.02 6.91
N LYS C 94 -19.45 -4.45 5.71
CA LYS C 94 -19.11 -5.20 4.49
C LYS C 94 -17.79 -5.98 4.65
N VAL C 95 -16.73 -5.28 5.09
CA VAL C 95 -15.41 -5.88 5.27
C VAL C 95 -15.34 -6.91 6.40
N PHE C 96 -15.90 -6.57 7.56
CA PHE C 96 -15.87 -7.50 8.68
C PHE C 96 -16.69 -8.74 8.36
N SER C 97 -17.74 -8.61 7.53
CA SER C 97 -18.57 -9.76 7.19
C SER C 97 -17.78 -10.77 6.37
N LEU C 98 -16.95 -10.26 5.47
CA LEU C 98 -16.14 -11.13 4.64
C LEU C 98 -14.97 -11.70 5.43
N ALA C 99 -14.60 -11.02 6.52
CA ALA C 99 -13.48 -11.48 7.35
C ALA C 99 -13.89 -12.45 8.47
N VAL C 100 -15.17 -12.80 8.54
CA VAL C 100 -15.64 -13.73 9.59
C VAL C 100 -15.05 -15.11 9.43
N ASN C 101 -14.48 -15.39 8.26
CA ASN C 101 -13.85 -16.67 7.98
C ASN C 101 -12.39 -16.62 8.36
N LEU C 102 -11.87 -15.43 8.63
CA LEU C 102 -10.46 -15.28 8.89
C LEU C 102 -9.97 -15.03 10.30
N ILE C 103 -10.65 -14.17 11.03
CA ILE C 103 -10.25 -13.83 12.39
C ILE C 103 -11.46 -13.76 13.30
N ALA C 104 -11.21 -13.65 14.59
CA ALA C 104 -12.29 -13.51 15.56
C ALA C 104 -12.91 -12.14 15.28
N ILE C 105 -14.23 -12.12 15.09
CA ILE C 105 -14.96 -10.88 14.83
C ILE C 105 -16.14 -10.83 15.82
N ASP C 106 -16.28 -9.73 16.57
CA ASP C 106 -17.35 -9.62 17.56
C ASP C 106 -18.73 -9.32 16.94
N SER C 107 -19.64 -10.29 17.03
CA SER C 107 -21.00 -10.16 16.50
C SER C 107 -21.72 -8.89 16.92
N GLN C 108 -21.53 -8.49 18.17
CA GLN C 108 -22.17 -7.29 18.68
C GLN C 108 -21.61 -6.00 18.07
N VAL C 109 -20.36 -6.04 17.65
CA VAL C 109 -19.76 -4.90 17.01
C VAL C 109 -20.43 -4.83 15.62
N LEU C 110 -20.39 -5.96 14.93
CA LEU C 110 -20.96 -6.05 13.60
C LEU C 110 -22.47 -5.77 13.54
N CYS C 111 -23.24 -6.42 14.41
CA CYS C 111 -24.69 -6.23 14.42
C CYS C 111 -25.12 -4.92 15.08
N GLY C 112 -24.25 -4.37 15.92
CA GLY C 112 -24.55 -3.09 16.55
C GLY C 112 -24.52 -2.03 15.45
N ALA C 113 -23.59 -2.16 14.52
CA ALA C 113 -23.46 -1.24 13.41
C ALA C 113 -24.64 -1.42 12.44
N VAL C 114 -25.05 -2.66 12.26
CA VAL C 114 -26.20 -2.91 11.39
C VAL C 114 -27.42 -2.25 12.02
N LYS C 115 -27.66 -2.57 13.29
CA LYS C 115 -28.80 -2.04 14.02
C LYS C 115 -28.84 -0.50 13.91
N TRP C 116 -27.71 0.15 14.14
CA TRP C 116 -27.63 1.61 14.06
C TRP C 116 -28.00 2.15 12.68
N LEU C 117 -27.50 1.51 11.62
CA LEU C 117 -27.84 1.95 10.27
C LEU C 117 -29.36 1.88 10.07
N ILE C 118 -29.98 0.76 10.44
CA ILE C 118 -31.42 0.60 10.29
C ILE C 118 -32.20 1.64 11.09
N LEU C 119 -31.97 1.66 12.40
CA LEU C 119 -32.66 2.58 13.32
C LEU C 119 -32.40 4.06 13.09
N GLU C 120 -31.17 4.45 12.73
CA GLU C 120 -30.88 5.87 12.58
C GLU C 120 -30.76 6.46 11.18
N LYS C 121 -30.34 5.66 10.21
CA LYS C 121 -30.12 6.19 8.87
C LYS C 121 -31.03 5.76 7.73
N GLN C 122 -32.05 4.96 8.02
CA GLN C 122 -32.97 4.54 6.97
C GLN C 122 -34.28 5.32 7.03
N LYS C 123 -34.65 5.93 5.91
CA LYS C 123 -35.89 6.69 5.82
C LYS C 123 -37.07 5.72 5.76
N PRO C 124 -38.30 6.23 6.00
CA PRO C 124 -39.48 5.36 5.96
C PRO C 124 -39.72 4.71 4.60
N ASP C 125 -39.20 5.32 3.53
CA ASP C 125 -39.37 4.76 2.21
C ASP C 125 -38.22 3.82 1.84
N GLY C 126 -37.38 3.47 2.81
CA GLY C 126 -36.29 2.53 2.52
C GLY C 126 -34.92 3.09 2.16
N VAL C 127 -34.86 4.36 1.77
CA VAL C 127 -33.61 5.01 1.42
C VAL C 127 -32.68 5.17 2.60
N PHE C 128 -31.39 4.98 2.37
CA PHE C 128 -30.37 5.17 3.38
C PHE C 128 -29.68 6.48 3.06
N GLN C 129 -29.45 7.29 4.09
CA GLN C 129 -28.82 8.59 3.91
C GLN C 129 -27.49 8.75 4.62
N GLU C 130 -26.63 9.56 4.02
CA GLU C 130 -25.32 9.88 4.56
C GLU C 130 -25.38 11.32 5.08
N ASP C 131 -25.23 11.50 6.38
CA ASP C 131 -25.29 12.83 6.98
C ASP C 131 -23.89 13.39 7.28
N ALA C 132 -22.87 12.53 7.27
CA ALA C 132 -21.51 12.96 7.52
C ALA C 132 -20.53 12.23 6.61
N PRO C 133 -20.39 12.71 5.37
CA PRO C 133 -19.49 12.10 4.38
C PRO C 133 -18.09 11.84 4.92
N VAL C 134 -17.43 10.80 4.41
CA VAL C 134 -16.07 10.49 4.82
C VAL C 134 -15.09 11.48 4.24
N ILE C 135 -14.01 11.72 4.98
CA ILE C 135 -12.98 12.63 4.52
C ILE C 135 -12.38 12.07 3.23
N HIS C 136 -12.05 10.77 3.23
CA HIS C 136 -11.45 10.16 2.05
C HIS C 136 -12.44 9.78 0.96
N GLN C 137 -12.87 10.79 0.21
CA GLN C 137 -13.82 10.55 -0.86
C GLN C 137 -13.31 9.60 -1.93
N GLU C 138 -12.00 9.40 -2.01
CA GLU C 138 -11.48 8.50 -3.02
C GLU C 138 -11.68 7.02 -2.66
N MET C 139 -12.05 6.74 -1.41
CA MET C 139 -12.22 5.34 -0.98
C MET C 139 -13.61 4.78 -1.18
N ILE C 140 -14.56 5.62 -1.58
CA ILE C 140 -15.92 5.15 -1.77
C ILE C 140 -16.21 4.77 -3.23
N GLY C 141 -15.18 4.81 -4.06
CA GLY C 141 -15.34 4.45 -5.46
C GLY C 141 -16.38 5.22 -6.24
N GLY C 142 -17.14 4.50 -7.06
CA GLY C 142 -18.16 5.10 -7.91
C GLY C 142 -19.29 5.85 -7.23
N LEU C 143 -19.41 5.70 -5.91
CA LEU C 143 -20.45 6.42 -5.18
C LEU C 143 -20.06 7.88 -5.02
N ARG C 144 -18.87 8.26 -5.50
CA ARG C 144 -18.44 9.65 -5.39
C ARG C 144 -19.25 10.55 -6.32
N ASN C 145 -19.78 9.96 -7.39
CA ASN C 145 -20.63 10.67 -8.36
C ASN C 145 -21.88 11.18 -7.62
N ASN C 146 -22.35 12.37 -7.98
CA ASN C 146 -23.53 12.94 -7.30
C ASN C 146 -24.90 12.49 -7.79
N ASN C 147 -24.98 12.02 -9.03
CA ASN C 147 -26.26 11.57 -9.56
C ASN C 147 -26.67 10.19 -9.08
N GLU C 148 -27.96 10.03 -8.86
CA GLU C 148 -28.53 8.76 -8.42
C GLU C 148 -27.87 8.31 -7.11
N LYS C 149 -27.62 9.27 -6.21
CA LYS C 149 -26.98 8.99 -4.93
C LYS C 149 -27.86 8.15 -4.00
N ASP C 150 -29.15 8.47 -3.93
CA ASP C 150 -30.06 7.71 -3.07
C ASP C 150 -30.07 6.24 -3.46
N MET C 151 -30.08 5.99 -4.76
CA MET C 151 -30.10 4.64 -5.29
C MET C 151 -28.75 3.95 -5.05
N ALA C 152 -27.67 4.62 -5.42
CA ALA C 152 -26.33 4.04 -5.26
C ALA C 152 -25.99 3.71 -3.81
N LEU C 153 -26.27 4.65 -2.90
CA LEU C 153 -25.97 4.45 -1.49
C LEU C 153 -26.90 3.45 -0.84
N THR C 154 -28.18 3.47 -1.22
CA THR C 154 -29.13 2.52 -0.63
C THR C 154 -28.72 1.12 -1.07
N ALA C 155 -28.36 0.96 -2.34
CA ALA C 155 -27.91 -0.34 -2.83
C ALA C 155 -26.66 -0.77 -2.04
N PHE C 156 -25.69 0.14 -1.92
CA PHE C 156 -24.46 -0.15 -1.16
C PHE C 156 -24.76 -0.63 0.26
N VAL C 157 -25.56 0.13 1.01
CA VAL C 157 -25.89 -0.23 2.39
C VAL C 157 -26.66 -1.55 2.45
N LEU C 158 -27.59 -1.71 1.52
CA LEU C 158 -28.39 -2.93 1.46
C LEU C 158 -27.48 -4.14 1.23
N ILE C 159 -26.46 -3.96 0.37
CA ILE C 159 -25.51 -5.03 0.11
C ILE C 159 -24.89 -5.46 1.44
N SER C 160 -24.43 -4.48 2.23
CA SER C 160 -23.81 -4.76 3.53
C SER C 160 -24.77 -5.46 4.48
N LEU C 161 -26.01 -5.01 4.55
CA LEU C 161 -26.97 -5.66 5.46
C LEU C 161 -27.19 -7.10 5.03
N GLN C 162 -27.25 -7.33 3.72
CA GLN C 162 -27.48 -8.68 3.20
C GLN C 162 -26.29 -9.61 3.48
N GLU C 163 -25.08 -9.08 3.42
CA GLU C 163 -23.90 -9.89 3.67
C GLU C 163 -23.67 -10.14 5.16
N ALA C 164 -24.36 -9.37 5.99
CA ALA C 164 -24.24 -9.53 7.44
C ALA C 164 -25.41 -10.33 7.99
N LYS C 165 -26.41 -10.59 7.15
CA LYS C 165 -27.62 -11.31 7.55
C LYS C 165 -27.37 -12.61 8.30
N ASP C 166 -26.51 -13.48 7.77
CA ASP C 166 -26.21 -14.75 8.44
C ASP C 166 -25.70 -14.50 9.86
N ILE C 167 -24.79 -13.54 9.97
CA ILE C 167 -24.18 -13.19 11.24
C ILE C 167 -25.11 -12.47 12.19
N CYS C 168 -25.98 -11.62 11.66
CA CYS C 168 -26.87 -10.84 12.50
C CYS C 168 -28.32 -11.28 12.58
N GLU C 169 -28.66 -12.37 11.91
CA GLU C 169 -30.04 -12.86 11.93
C GLU C 169 -30.69 -12.89 13.31
N GLU C 170 -30.14 -13.73 14.18
CA GLU C 170 -30.68 -13.94 15.51
C GLU C 170 -30.69 -12.73 16.43
N GLN C 171 -29.79 -11.77 16.23
CA GLN C 171 -29.78 -10.63 17.13
C GLN C 171 -30.29 -9.27 16.65
N VAL C 172 -30.67 -9.15 15.38
CA VAL C 172 -31.21 -7.88 14.89
C VAL C 172 -32.59 -8.13 14.29
N ASN C 173 -33.61 -8.02 15.14
CA ASN C 173 -34.99 -8.27 14.72
C ASN C 173 -35.51 -7.47 13.54
N SER C 174 -35.05 -6.23 13.41
CA SER C 174 -35.49 -5.36 12.34
C SER C 174 -34.82 -5.60 10.99
N LEU C 175 -33.75 -6.39 10.97
CA LEU C 175 -33.00 -6.65 9.74
C LEU C 175 -33.83 -7.11 8.53
N PRO C 176 -34.66 -8.16 8.69
CA PRO C 176 -35.45 -8.60 7.54
C PRO C 176 -36.32 -7.48 6.96
N GLY C 177 -37.00 -6.75 7.84
CA GLY C 177 -37.87 -5.66 7.38
C GLY C 177 -37.11 -4.54 6.69
N SER C 178 -35.89 -4.26 7.16
CA SER C 178 -35.09 -3.19 6.58
C SER C 178 -34.64 -3.57 5.17
N ILE C 179 -34.23 -4.82 5.01
CA ILE C 179 -33.80 -5.31 3.71
C ILE C 179 -34.96 -5.19 2.71
N THR C 180 -36.17 -5.51 3.16
CA THR C 180 -37.35 -5.45 2.28
C THR C 180 -37.64 -4.00 1.87
N LYS C 181 -37.68 -3.10 2.86
CA LYS C 181 -37.93 -1.70 2.58
C LYS C 181 -36.89 -1.11 1.62
N ALA C 182 -35.61 -1.42 1.83
CA ALA C 182 -34.60 -0.90 0.91
C ALA C 182 -34.81 -1.51 -0.47
N GLY C 183 -35.23 -2.76 -0.51
CA GLY C 183 -35.48 -3.39 -1.79
C GLY C 183 -36.61 -2.70 -2.52
N ASP C 184 -37.70 -2.45 -1.80
CA ASP C 184 -38.87 -1.77 -2.37
C ASP C 184 -38.46 -0.49 -3.05
N PHE C 185 -37.58 0.27 -2.39
CA PHE C 185 -37.13 1.52 -2.96
C PHE C 185 -36.31 1.32 -4.21
N LEU C 186 -35.41 0.35 -4.20
CA LEU C 186 -34.58 0.11 -5.38
C LEU C 186 -35.43 -0.35 -6.57
N GLU C 187 -36.35 -1.27 -6.31
CA GLU C 187 -37.23 -1.83 -7.35
C GLU C 187 -38.10 -0.76 -8.01
N ALA C 188 -38.70 0.10 -7.20
CA ALA C 188 -39.59 1.14 -7.71
C ALA C 188 -38.93 2.21 -8.55
N ASN C 189 -37.62 2.31 -8.49
CA ASN C 189 -36.93 3.35 -9.24
C ASN C 189 -35.89 2.82 -10.21
N TYR C 190 -35.68 1.52 -10.17
CA TYR C 190 -34.67 0.87 -10.99
C TYR C 190 -34.75 1.17 -12.48
N MET C 191 -35.95 1.09 -13.05
CA MET C 191 -36.12 1.33 -14.48
C MET C 191 -35.75 2.76 -14.90
N ASN C 192 -35.80 3.71 -13.98
CA ASN C 192 -35.48 5.09 -14.31
C ASN C 192 -33.99 5.41 -14.25
N LEU C 193 -33.18 4.45 -13.80
CA LEU C 193 -31.74 4.66 -13.71
C LEU C 193 -31.12 4.98 -15.06
N GLN C 194 -30.08 5.81 -15.01
CA GLN C 194 -29.36 6.24 -16.21
C GLN C 194 -27.91 5.79 -16.21
N ARG C 195 -27.30 5.66 -15.04
CA ARG C 195 -25.89 5.29 -14.97
C ARG C 195 -25.62 3.78 -14.85
N SER C 196 -24.66 3.30 -15.63
CA SER C 196 -24.33 1.88 -15.61
C SER C 196 -23.92 1.44 -14.21
N TYR C 197 -23.17 2.29 -13.53
CA TYR C 197 -22.70 2.00 -12.17
C TYR C 197 -23.87 1.68 -11.24
N THR C 198 -24.87 2.55 -11.20
CA THR C 198 -26.00 2.33 -10.31
C THR C 198 -26.78 1.08 -10.73
N VAL C 199 -26.92 0.88 -12.04
CA VAL C 199 -27.62 -0.29 -12.55
C VAL C 199 -26.97 -1.56 -11.99
N ALA C 200 -25.63 -1.58 -12.02
CA ALA C 200 -24.87 -2.73 -11.54
C ALA C 200 -24.89 -2.98 -10.02
N ILE C 201 -24.75 -1.92 -9.25
CA ILE C 201 -24.73 -2.03 -7.79
C ILE C 201 -26.14 -2.29 -7.25
N ALA C 202 -27.14 -1.62 -7.80
CA ALA C 202 -28.52 -1.85 -7.35
C ALA C 202 -28.94 -3.21 -7.92
N GLY C 203 -28.31 -3.60 -9.03
CA GLY C 203 -28.63 -4.88 -9.63
C GLY C 203 -28.22 -6.03 -8.73
N TYR C 204 -27.01 -5.96 -8.21
CA TYR C 204 -26.54 -7.01 -7.31
C TYR C 204 -27.39 -7.02 -6.05
N ALA C 205 -27.72 -5.83 -5.54
CA ALA C 205 -28.54 -5.73 -4.33
C ALA C 205 -29.90 -6.40 -4.54
N LEU C 206 -30.53 -6.14 -5.68
CA LEU C 206 -31.83 -6.76 -5.94
C LEU C 206 -31.71 -8.25 -6.22
N ALA C 207 -30.62 -8.64 -6.89
CA ALA C 207 -30.40 -10.05 -7.22
C ALA C 207 -30.28 -10.93 -5.98
N GLN C 208 -29.71 -10.38 -4.91
CA GLN C 208 -29.54 -11.14 -3.67
C GLN C 208 -30.86 -11.45 -2.98
N MET C 209 -31.89 -10.66 -3.26
CA MET C 209 -33.20 -10.96 -2.68
C MET C 209 -34.18 -11.38 -3.75
N GLY C 210 -33.66 -11.91 -4.85
CA GLY C 210 -34.47 -12.40 -5.95
C GLY C 210 -35.49 -11.44 -6.54
N ARG C 211 -35.17 -10.15 -6.57
CA ARG C 211 -36.09 -9.19 -7.12
C ARG C 211 -35.58 -8.59 -8.42
N LEU C 212 -34.49 -9.15 -8.93
CA LEU C 212 -33.97 -8.68 -10.20
C LEU C 212 -34.45 -9.64 -11.27
N LYS C 213 -35.61 -9.33 -11.85
CA LYS C 213 -36.20 -10.16 -12.91
C LYS C 213 -37.13 -9.34 -13.79
N GLY C 214 -37.79 -10.02 -14.73
CA GLY C 214 -38.69 -9.33 -15.63
C GLY C 214 -38.01 -8.15 -16.30
N PRO C 215 -38.70 -7.00 -16.39
CA PRO C 215 -38.06 -5.85 -17.04
C PRO C 215 -36.80 -5.33 -16.33
N LEU C 216 -36.70 -5.49 -15.02
CA LEU C 216 -35.50 -5.01 -14.33
C LEU C 216 -34.27 -5.82 -14.77
N LEU C 217 -34.42 -7.14 -14.82
CA LEU C 217 -33.31 -7.98 -15.25
C LEU C 217 -32.93 -7.62 -16.68
N ASN C 218 -33.92 -7.41 -17.53
CA ASN C 218 -33.65 -7.03 -18.92
C ASN C 218 -32.86 -5.72 -18.94
N LYS C 219 -33.26 -4.77 -18.08
CA LYS C 219 -32.55 -3.49 -18.03
C LYS C 219 -31.10 -3.75 -17.64
N PHE C 220 -30.91 -4.52 -16.58
CA PHE C 220 -29.59 -4.85 -16.08
C PHE C 220 -28.69 -5.44 -17.16
N LEU C 221 -29.19 -6.44 -17.87
CA LEU C 221 -28.42 -7.10 -18.90
C LEU C 221 -28.10 -6.24 -20.12
N THR C 222 -29.10 -5.50 -20.61
CA THR C 222 -28.89 -4.65 -21.78
C THR C 222 -28.04 -3.41 -21.55
N THR C 223 -27.81 -3.08 -20.28
CA THR C 223 -26.97 -1.93 -19.95
C THR C 223 -25.51 -2.27 -20.29
N ALA C 224 -25.16 -3.54 -20.15
CA ALA C 224 -23.81 -3.97 -20.46
C ALA C 224 -23.36 -3.60 -21.89
N LYS C 225 -22.12 -3.12 -21.98
CA LYS C 225 -21.51 -2.75 -23.24
C LYS C 225 -20.89 -4.03 -23.80
N ASP C 226 -21.27 -4.40 -25.01
CA ASP C 226 -20.74 -5.61 -25.66
C ASP C 226 -20.91 -6.85 -24.80
N LYS C 227 -21.93 -6.82 -23.94
CA LYS C 227 -22.23 -7.96 -23.06
C LYS C 227 -21.08 -8.40 -22.17
N ASN C 228 -20.12 -7.52 -21.88
CA ASN C 228 -19.01 -7.94 -21.01
C ASN C 228 -18.58 -6.91 -19.99
N ARG C 229 -19.26 -5.77 -19.94
CA ARG C 229 -18.88 -4.74 -18.99
C ARG C 229 -19.94 -3.68 -18.78
N TRP C 230 -19.89 -3.09 -17.60
CA TRP C 230 -20.79 -2.02 -17.22
C TRP C 230 -19.91 -0.80 -17.04
N GLU C 231 -20.00 0.14 -17.98
CA GLU C 231 -19.17 1.33 -17.89
C GLU C 231 -19.88 2.64 -18.17
N ASP C 232 -19.29 3.71 -17.63
CA ASP C 232 -19.81 5.07 -17.80
C ASP C 232 -18.61 5.96 -18.10
N PRO C 233 -18.86 7.10 -18.77
CA PRO C 233 -17.70 7.95 -19.02
C PRO C 233 -17.25 8.49 -17.65
N GLY C 234 -16.00 8.21 -17.28
CA GLY C 234 -15.45 8.65 -16.01
C GLY C 234 -14.18 7.85 -15.78
N LYS C 235 -13.74 7.76 -14.53
CA LYS C 235 -12.53 6.99 -14.24
C LYS C 235 -12.77 5.52 -14.57
N GLN C 236 -11.74 4.84 -15.06
CA GLN C 236 -11.85 3.42 -15.40
C GLN C 236 -12.09 2.58 -14.15
N LEU C 237 -11.65 3.07 -12.98
CA LEU C 237 -11.83 2.34 -11.74
C LEU C 237 -13.28 2.07 -11.37
N TYR C 238 -14.16 3.02 -11.66
CA TYR C 238 -15.58 2.87 -11.36
C TYR C 238 -16.15 1.76 -12.25
N ASN C 239 -15.63 1.67 -13.47
CA ASN C 239 -16.08 0.65 -14.40
C ASN C 239 -15.64 -0.73 -13.95
N VAL C 240 -14.43 -0.82 -13.38
CA VAL C 240 -13.96 -2.11 -12.90
C VAL C 240 -14.81 -2.54 -11.70
N GLU C 241 -15.14 -1.57 -10.85
CA GLU C 241 -15.96 -1.80 -9.66
C GLU C 241 -17.37 -2.20 -10.09
N ALA C 242 -17.96 -1.42 -10.99
CA ALA C 242 -19.30 -1.67 -11.51
C ALA C 242 -19.43 -3.07 -12.12
N THR C 243 -18.50 -3.40 -13.01
CA THR C 243 -18.52 -4.70 -13.67
C THR C 243 -18.41 -5.80 -12.63
N SER C 244 -17.70 -5.54 -11.55
CA SER C 244 -17.54 -6.54 -10.50
C SER C 244 -18.87 -6.76 -9.77
N TYR C 245 -19.60 -5.68 -9.49
CA TYR C 245 -20.90 -5.80 -8.84
C TYR C 245 -21.83 -6.58 -9.79
N ALA C 246 -21.77 -6.25 -11.07
CA ALA C 246 -22.59 -6.92 -12.06
C ALA C 246 -22.27 -8.41 -12.10
N LEU C 247 -21.00 -8.75 -12.00
CA LEU C 247 -20.61 -10.16 -12.01
C LEU C 247 -21.20 -10.87 -10.81
N LEU C 248 -21.21 -10.19 -9.66
CA LEU C 248 -21.79 -10.78 -8.46
C LEU C 248 -23.29 -10.96 -8.64
N ALA C 249 -23.92 -10.06 -9.38
CA ALA C 249 -25.35 -10.15 -9.64
C ALA C 249 -25.59 -11.40 -10.50
N LEU C 250 -24.86 -11.48 -11.60
CA LEU C 250 -24.96 -12.60 -12.52
C LEU C 250 -24.80 -13.93 -11.80
N LEU C 251 -23.86 -13.99 -10.84
CA LEU C 251 -23.63 -15.23 -10.12
C LEU C 251 -24.80 -15.54 -9.20
N GLN C 252 -25.45 -14.49 -8.74
CA GLN C 252 -26.60 -14.61 -7.84
C GLN C 252 -27.78 -15.16 -8.66
N LEU C 253 -27.82 -14.83 -9.94
CA LEU C 253 -28.87 -15.28 -10.85
C LEU C 253 -28.51 -16.63 -11.47
N LYS C 254 -27.27 -17.05 -11.28
CA LYS C 254 -26.76 -18.29 -11.85
C LYS C 254 -26.84 -18.24 -13.36
N ASP C 255 -26.71 -17.04 -13.93
CA ASP C 255 -26.75 -16.88 -15.38
C ASP C 255 -25.31 -17.11 -15.87
N PHE C 256 -24.89 -18.37 -15.86
CA PHE C 256 -23.54 -18.73 -16.27
C PHE C 256 -23.30 -18.62 -17.76
N ASP C 257 -24.35 -18.30 -18.52
CA ASP C 257 -24.23 -18.14 -19.97
C ASP C 257 -23.64 -16.77 -20.25
N PHE C 258 -24.03 -15.79 -19.43
CA PHE C 258 -23.58 -14.41 -19.59
C PHE C 258 -22.25 -14.14 -18.86
N VAL C 259 -21.93 -14.99 -17.89
CA VAL C 259 -20.72 -14.85 -17.08
C VAL C 259 -19.35 -14.83 -17.76
N PRO C 260 -19.02 -15.84 -18.58
CA PRO C 260 -17.72 -15.91 -19.26
C PRO C 260 -17.14 -14.62 -19.87
N PRO C 261 -17.91 -13.91 -20.72
CA PRO C 261 -17.38 -12.67 -21.31
C PRO C 261 -17.00 -11.66 -20.21
N VAL C 262 -17.84 -11.55 -19.20
CA VAL C 262 -17.61 -10.60 -18.10
C VAL C 262 -16.33 -10.91 -17.34
N VAL C 263 -16.13 -12.17 -16.99
CA VAL C 263 -14.92 -12.58 -16.28
C VAL C 263 -13.71 -12.34 -17.18
N ARG C 264 -13.86 -12.55 -18.48
CA ARG C 264 -12.76 -12.34 -19.41
C ARG C 264 -12.38 -10.87 -19.46
N TRP C 265 -13.36 -9.99 -19.56
CA TRP C 265 -13.06 -8.56 -19.58
C TRP C 265 -12.32 -8.17 -18.29
N LEU C 266 -12.85 -8.60 -17.15
CA LEU C 266 -12.20 -8.29 -15.88
C LEU C 266 -10.76 -8.79 -15.86
N ASN C 267 -10.54 -10.03 -16.27
CA ASN C 267 -9.17 -10.56 -16.28
C ASN C 267 -8.26 -9.76 -17.21
N GLU C 268 -8.78 -9.37 -18.38
CA GLU C 268 -8.00 -8.60 -19.34
C GLU C 268 -7.67 -7.18 -18.88
N GLN C 269 -8.29 -6.72 -17.80
CA GLN C 269 -7.97 -5.39 -17.32
C GLN C 269 -6.65 -5.44 -16.57
N ARG C 270 -6.28 -6.65 -16.16
CA ARG C 270 -5.06 -6.86 -15.39
C ARG C 270 -5.03 -5.86 -14.26
N TYR C 271 -6.15 -5.74 -13.57
CA TYR C 271 -6.23 -4.83 -12.44
C TYR C 271 -5.93 -5.64 -11.20
N TYR C 272 -4.86 -5.29 -10.49
CA TYR C 272 -4.49 -6.04 -9.31
C TYR C 272 -4.65 -5.26 -8.00
N GLY C 273 -5.42 -4.17 -8.03
CA GLY C 273 -5.67 -3.38 -6.84
C GLY C 273 -4.49 -2.67 -6.20
N GLY C 274 -4.77 -1.94 -5.12
CA GLY C 274 -3.71 -1.24 -4.41
C GLY C 274 -3.51 0.18 -4.88
N GLY C 275 -3.11 1.05 -3.96
CA GLY C 275 -2.88 2.43 -4.31
C GLY C 275 -4.03 3.36 -3.96
N TYR C 276 -3.74 4.65 -4.07
CA TYR C 276 -4.69 5.71 -3.79
C TYR C 276 -5.98 5.57 -4.60
N GLY C 277 -7.11 5.63 -3.90
CA GLY C 277 -8.42 5.56 -4.54
C GLY C 277 -8.82 4.23 -5.13
N SER C 278 -8.17 3.14 -4.68
CA SER C 278 -8.44 1.82 -5.21
C SER C 278 -9.26 0.92 -4.30
N THR C 279 -9.65 1.45 -3.15
CA THR C 279 -10.39 0.67 -2.17
C THR C 279 -11.59 -0.12 -2.72
N GLN C 280 -12.58 0.56 -3.29
CA GLN C 280 -13.72 -0.18 -3.79
C GLN C 280 -13.39 -1.12 -4.96
N ALA C 281 -12.51 -0.69 -5.87
CA ALA C 281 -12.17 -1.56 -7.00
C ALA C 281 -11.40 -2.81 -6.55
N THR C 282 -10.51 -2.62 -5.59
CA THR C 282 -9.71 -3.71 -5.07
C THR C 282 -10.56 -4.73 -4.34
N PHE C 283 -11.43 -4.24 -3.47
CA PHE C 283 -12.28 -5.11 -2.70
C PHE C 283 -13.29 -5.83 -3.58
N MET C 284 -13.91 -5.09 -4.49
CA MET C 284 -14.93 -5.67 -5.36
C MET C 284 -14.45 -6.62 -6.44
N VAL C 285 -13.36 -6.29 -7.13
CA VAL C 285 -12.93 -7.20 -8.18
C VAL C 285 -12.57 -8.56 -7.59
N PHE C 286 -11.85 -8.56 -6.47
CA PHE C 286 -11.47 -9.83 -5.87
C PHE C 286 -12.59 -10.56 -5.15
N GLN C 287 -13.57 -9.83 -4.63
CA GLN C 287 -14.68 -10.51 -3.99
C GLN C 287 -15.45 -11.20 -5.14
N ALA C 288 -15.55 -10.50 -6.27
CA ALA C 288 -16.24 -11.02 -7.44
C ALA C 288 -15.57 -12.23 -8.09
N LEU C 289 -14.27 -12.14 -8.32
CA LEU C 289 -13.52 -13.24 -8.92
C LEU C 289 -13.47 -14.43 -7.96
N ALA C 290 -13.41 -14.17 -6.66
CA ALA C 290 -13.42 -15.24 -5.67
C ALA C 290 -14.77 -15.94 -5.69
N GLN C 291 -15.86 -15.17 -5.75
CA GLN C 291 -17.19 -15.76 -5.81
C GLN C 291 -17.31 -16.57 -7.10
N TYR C 292 -16.78 -16.02 -8.18
CA TYR C 292 -16.81 -16.71 -9.46
C TYR C 292 -16.11 -18.07 -9.34
N GLN C 293 -14.87 -18.04 -8.85
CA GLN C 293 -14.07 -19.25 -8.68
C GLN C 293 -14.82 -20.28 -7.86
N LYS C 294 -15.62 -19.81 -6.92
CA LYS C 294 -16.37 -20.69 -6.04
C LYS C 294 -17.69 -21.20 -6.63
N ASP C 295 -18.38 -20.37 -7.40
CA ASP C 295 -19.66 -20.77 -7.98
C ASP C 295 -19.59 -21.40 -9.35
N ALA C 296 -19.13 -20.64 -10.33
CA ALA C 296 -19.06 -21.10 -11.73
C ALA C 296 -18.74 -22.57 -11.92
N PRO C 297 -19.47 -23.23 -12.83
CA PRO C 297 -19.30 -24.66 -13.15
C PRO C 297 -17.89 -24.98 -13.66
N THR D 1 -39.16 -20.79 20.96
CA THR D 1 -37.93 -21.35 21.58
C THR D 1 -37.14 -22.20 20.58
N ASP D 2 -37.42 -22.01 19.29
CA ASP D 2 -36.67 -22.74 18.25
C ASP D 2 -35.35 -21.98 18.23
N ALA D 3 -35.40 -20.75 18.76
CA ALA D 3 -34.25 -19.86 18.85
C ALA D 3 -33.23 -20.41 19.84
N THR D 4 -33.68 -21.26 20.75
CA THR D 4 -32.77 -21.87 21.71
C THR D 4 -32.07 -23.06 21.04
N ILE D 5 -32.78 -23.71 20.14
CA ILE D 5 -32.26 -24.87 19.39
C ILE D 5 -31.27 -24.38 18.34
N LYS D 6 -31.52 -23.21 17.75
CA LYS D 6 -30.62 -22.66 16.75
C LYS D 6 -29.30 -22.35 17.43
N LYS D 7 -29.37 -21.60 18.52
CA LYS D 7 -28.18 -21.24 19.26
C LYS D 7 -27.46 -22.50 19.73
N GLU D 8 -28.21 -23.51 20.17
CA GLU D 8 -27.55 -24.73 20.62
C GLU D 8 -26.85 -25.43 19.47
N GLN D 9 -27.47 -25.40 18.29
CA GLN D 9 -26.90 -26.01 17.10
C GLN D 9 -25.65 -25.31 16.60
N LYS D 10 -25.66 -23.98 16.68
CA LYS D 10 -24.51 -23.19 16.25
C LYS D 10 -23.33 -23.62 17.10
N LEU D 11 -23.59 -23.74 18.40
CA LEU D 11 -22.59 -24.15 19.37
C LEU D 11 -22.01 -25.53 19.04
N ILE D 12 -22.87 -26.47 18.64
CA ILE D 12 -22.41 -27.82 18.30
C ILE D 12 -21.58 -27.74 17.02
N GLN D 13 -22.12 -27.06 16.03
CA GLN D 13 -21.43 -26.87 14.75
C GLN D 13 -20.03 -26.33 15.02
N ALA D 14 -19.94 -25.30 15.85
CA ALA D 14 -18.66 -24.70 16.17
C ALA D 14 -17.73 -25.71 16.83
N GLN D 15 -18.23 -26.36 17.89
CA GLN D 15 -17.47 -27.36 18.62
C GLN D 15 -16.94 -28.44 17.68
N ASN D 16 -17.78 -28.89 16.77
CA ASN D 16 -17.39 -29.93 15.83
C ASN D 16 -16.31 -29.47 14.87
N LEU D 17 -16.53 -28.32 14.25
CA LEU D 17 -15.59 -27.79 13.28
C LEU D 17 -14.28 -27.40 13.93
N VAL D 18 -14.34 -26.93 15.17
CA VAL D 18 -13.12 -26.56 15.88
C VAL D 18 -12.32 -27.82 16.14
N ARG D 19 -12.99 -28.87 16.58
CA ARG D 19 -12.32 -30.14 16.84
C ARG D 19 -11.72 -30.66 15.54
N GLU D 20 -12.44 -30.47 14.44
CA GLU D 20 -11.97 -30.91 13.13
C GLU D 20 -10.73 -30.11 12.70
N PHE D 21 -10.73 -28.81 12.98
CA PHE D 21 -9.58 -27.98 12.63
C PHE D 21 -8.34 -28.52 13.35
N GLU D 22 -8.51 -28.87 14.62
CA GLU D 22 -7.43 -29.43 15.41
C GLU D 22 -6.92 -30.74 14.82
N LYS D 23 -7.74 -31.35 13.96
CA LYS D 23 -7.35 -32.62 13.34
C LYS D 23 -6.65 -32.46 12.01
N THR D 24 -7.07 -31.51 11.17
CA THR D 24 -6.44 -31.38 9.85
C THR D 24 -5.51 -30.19 9.61
N HIS D 25 -5.68 -29.11 10.37
CA HIS D 25 -4.86 -27.91 10.22
C HIS D 25 -4.80 -27.33 8.81
N THR D 26 -5.90 -27.42 8.06
CA THR D 26 -5.93 -26.88 6.70
C THR D 26 -6.52 -25.47 6.70
N VAL D 27 -6.30 -24.71 5.63
CA VAL D 27 -6.83 -23.38 5.53
C VAL D 27 -8.35 -23.50 5.48
N SER D 28 -8.81 -24.49 4.73
CA SER D 28 -10.24 -24.75 4.59
C SER D 28 -10.89 -24.99 5.95
N ALA D 29 -10.30 -25.89 6.73
CA ALA D 29 -10.84 -26.22 8.06
C ALA D 29 -10.79 -25.01 8.99
N HIS D 30 -9.76 -24.18 8.81
CA HIS D 30 -9.61 -22.98 9.63
C HIS D 30 -10.79 -22.05 9.38
N ALA D 31 -11.09 -21.81 8.12
CA ALA D 31 -12.20 -20.93 7.73
C ALA D 31 -13.52 -21.40 8.33
N LYS D 32 -13.86 -22.67 8.11
CA LYS D 32 -15.13 -23.21 8.63
C LYS D 32 -15.22 -23.06 10.14
N ALA D 33 -14.14 -23.38 10.84
CA ALA D 33 -14.13 -23.27 12.29
C ALA D 33 -14.31 -21.81 12.73
N GLN D 34 -13.46 -20.92 12.21
CA GLN D 34 -13.51 -19.50 12.58
C GLN D 34 -14.90 -18.91 12.34
N LYS D 35 -15.48 -19.17 11.17
CA LYS D 35 -16.80 -18.62 10.89
C LYS D 35 -17.82 -19.17 11.88
N ALA D 36 -17.78 -20.48 12.09
CA ALA D 36 -18.71 -21.13 13.01
C ALA D 36 -18.60 -20.51 14.42
N VAL D 37 -17.37 -20.31 14.89
CA VAL D 37 -17.20 -19.74 16.23
C VAL D 37 -17.75 -18.33 16.28
N ASN D 38 -17.47 -17.53 15.25
CA ASN D 38 -17.98 -16.16 15.24
C ASN D 38 -19.51 -16.13 15.26
N LEU D 39 -20.13 -17.25 14.91
CA LEU D 39 -21.59 -17.34 14.88
C LEU D 39 -22.23 -17.75 16.21
N VAL D 40 -21.44 -18.27 17.15
CA VAL D 40 -21.98 -18.65 18.45
C VAL D 40 -22.44 -17.41 19.23
N SER D 41 -23.64 -17.49 19.78
CA SER D 41 -24.25 -16.41 20.55
C SER D 41 -23.42 -16.00 21.75
N PHE D 42 -23.55 -14.73 22.14
CA PHE D 42 -22.84 -14.19 23.29
C PHE D 42 -23.39 -14.87 24.55
N GLU D 43 -24.43 -15.67 24.35
CA GLU D 43 -25.03 -16.42 25.45
C GLU D 43 -23.99 -17.38 25.99
N TYR D 44 -23.21 -17.94 25.08
CA TYR D 44 -22.15 -18.87 25.44
C TYR D 44 -20.80 -18.17 25.41
N LYS D 45 -20.81 -16.89 25.74
CA LYS D 45 -19.60 -16.07 25.76
C LYS D 45 -18.38 -16.85 26.25
N VAL D 46 -18.55 -17.67 27.27
CA VAL D 46 -17.44 -18.45 27.81
C VAL D 46 -16.92 -19.56 26.92
N LYS D 47 -17.78 -20.47 26.46
CA LYS D 47 -17.23 -21.54 25.63
C LYS D 47 -16.81 -21.01 24.26
N LYS D 48 -17.32 -19.83 23.90
CA LYS D 48 -16.97 -19.19 22.63
C LYS D 48 -15.51 -18.76 22.76
N MET D 49 -15.17 -18.19 23.91
CA MET D 49 -13.81 -17.75 24.18
C MET D 49 -12.87 -18.96 24.13
N VAL D 50 -13.27 -20.05 24.78
CA VAL D 50 -12.45 -21.26 24.82
C VAL D 50 -12.25 -21.82 23.43
N LEU D 51 -13.31 -21.81 22.63
CA LEU D 51 -13.26 -22.32 21.25
C LEU D 51 -12.33 -21.47 20.38
N GLN D 52 -12.42 -20.16 20.55
CA GLN D 52 -11.60 -19.22 19.79
C GLN D 52 -10.14 -19.42 20.20
N GLU D 53 -9.91 -19.54 21.50
CA GLU D 53 -8.57 -19.73 22.02
C GLU D 53 -8.00 -21.00 21.41
N ARG D 54 -8.86 -21.99 21.18
CA ARG D 54 -8.42 -23.25 20.59
C ARG D 54 -7.99 -23.05 19.15
N ILE D 55 -8.70 -22.17 18.45
CA ILE D 55 -8.37 -21.85 17.07
C ILE D 55 -7.01 -21.17 17.03
N ASP D 56 -6.88 -20.10 17.81
CA ASP D 56 -5.64 -19.36 17.88
C ASP D 56 -4.46 -20.28 18.13
N ASN D 57 -4.66 -21.33 18.92
CA ASN D 57 -3.60 -22.26 19.24
C ASN D 57 -3.17 -23.14 18.06
N VAL D 58 -4.14 -23.63 17.30
CA VAL D 58 -3.85 -24.45 16.11
C VAL D 58 -3.08 -23.56 15.13
N LEU D 59 -3.45 -22.28 15.08
CA LEU D 59 -2.78 -21.34 14.19
C LEU D 59 -1.32 -21.14 14.61
N LYS D 60 -1.07 -21.21 15.92
CA LYS D 60 0.27 -21.04 16.45
C LYS D 60 1.11 -22.24 16.02
N GLN D 61 0.50 -23.42 15.98
CA GLN D 61 1.20 -24.63 15.57
C GLN D 61 1.59 -24.58 14.09
N GLY D 62 0.73 -23.99 13.26
CA GLY D 62 1.01 -23.88 11.84
C GLY D 62 0.05 -24.66 10.97
N LEU D 63 -0.22 -24.15 9.76
CA LEU D 63 -1.12 -24.83 8.85
C LEU D 63 -0.32 -25.61 7.80
N VAL D 64 -0.99 -26.55 7.12
CA VAL D 64 -0.34 -27.37 6.10
C VAL D 64 -1.23 -27.62 4.89
N ARG D 65 -1.17 -26.70 3.92
CA ARG D 65 -1.97 -26.75 2.69
C ARG D 65 -3.40 -26.26 2.93
#